data_5IWJ
# 
_entry.id   5IWJ 
# 
_audit_conform.dict_name       mmcif_pdbx.dic 
_audit_conform.dict_version    5.391 
_audit_conform.dict_location   http://mmcif.pdb.org/dictionaries/ascii/mmcif_pdbx.dic 
# 
loop_
_database_2.database_id 
_database_2.database_code 
_database_2.pdbx_database_accession 
_database_2.pdbx_DOI 
PDB   5IWJ         pdb_00005iwj 10.2210/pdb5iwj/pdb 
WWPDB D_1000219566 ?            ?                   
# 
loop_
_pdbx_audit_revision_history.ordinal 
_pdbx_audit_revision_history.data_content_type 
_pdbx_audit_revision_history.major_revision 
_pdbx_audit_revision_history.minor_revision 
_pdbx_audit_revision_history.revision_date 
1 'Structure model' 1 0 2017-04-05 
2 'Structure model' 1 1 2017-08-30 
3 'Structure model' 1 2 2024-05-08 
# 
_pdbx_audit_revision_details.ordinal             1 
_pdbx_audit_revision_details.revision_ordinal    1 
_pdbx_audit_revision_details.data_content_type   'Structure model' 
_pdbx_audit_revision_details.provider            repository 
_pdbx_audit_revision_details.type                'Initial release' 
_pdbx_audit_revision_details.description         ? 
_pdbx_audit_revision_details.details             ? 
# 
loop_
_pdbx_audit_revision_group.ordinal 
_pdbx_audit_revision_group.revision_ordinal 
_pdbx_audit_revision_group.data_content_type 
_pdbx_audit_revision_group.group 
1 2 'Structure model' 'Author supporting evidence' 
2 3 'Structure model' 'Data collection'            
3 3 'Structure model' 'Database references'        
4 3 'Structure model' 'Derived calculations'       
# 
loop_
_pdbx_audit_revision_category.ordinal 
_pdbx_audit_revision_category.revision_ordinal 
_pdbx_audit_revision_category.data_content_type 
_pdbx_audit_revision_category.category 
1 2 'Structure model' pdbx_audit_support     
2 3 'Structure model' chem_comp_atom         
3 3 'Structure model' chem_comp_bond         
4 3 'Structure model' database_2             
5 3 'Structure model' pdbx_struct_conn_angle 
6 3 'Structure model' struct_conn            
# 
loop_
_pdbx_audit_revision_item.ordinal 
_pdbx_audit_revision_item.revision_ordinal 
_pdbx_audit_revision_item.data_content_type 
_pdbx_audit_revision_item.item 
1  2 'Structure model' '_pdbx_audit_support.funding_organization'  
2  3 'Structure model' '_database_2.pdbx_DOI'                      
3  3 'Structure model' '_database_2.pdbx_database_accession'       
4  3 'Structure model' '_pdbx_struct_conn_angle.ptnr1_auth_seq_id' 
5  3 'Structure model' '_pdbx_struct_conn_angle.ptnr1_symmetry'    
6  3 'Structure model' '_pdbx_struct_conn_angle.ptnr3_auth_seq_id' 
7  3 'Structure model' '_pdbx_struct_conn_angle.ptnr3_symmetry'    
8  3 'Structure model' '_pdbx_struct_conn_angle.value'             
9  3 'Structure model' '_struct_conn.pdbx_dist_value'              
10 3 'Structure model' '_struct_conn.ptnr2_auth_seq_id'            
11 3 'Structure model' '_struct_conn.ptnr2_symmetry'               
# 
_pdbx_database_status.status_code                     REL 
_pdbx_database_status.status_code_sf                  REL 
_pdbx_database_status.status_code_mr                  ? 
_pdbx_database_status.entry_id                        5IWJ 
_pdbx_database_status.recvd_initial_deposition_date   2016-03-22 
_pdbx_database_status.SG_entry                        N 
_pdbx_database_status.deposit_site                    RCSB 
_pdbx_database_status.process_site                    PDBE 
_pdbx_database_status.status_code_cs                  ? 
_pdbx_database_status.methods_development_category    ? 
_pdbx_database_status.pdb_format_compatible           Y 
_pdbx_database_status.status_code_nmr_data            ? 
# 
loop_
_audit_author.name 
_audit_author.pdbx_ordinal 
'Souter, J.E.' 1 
'Hall, J.P.'   2 
'Cardin, C.J.' 3 
# 
_citation.abstract                  ? 
_citation.abstract_id_CAS           ? 
_citation.book_id_ISBN              ? 
_citation.book_publisher            ? 
_citation.book_publisher_city       ? 
_citation.book_title                ? 
_citation.coordinate_linkage        ? 
_citation.country                   ? 
_citation.database_id_Medline       ? 
_citation.details                   ? 
_citation.id                        primary 
_citation.journal_abbrev            'To Be Published' 
_citation.journal_id_ASTM           ? 
_citation.journal_id_CSD            0353 
_citation.journal_id_ISSN           ? 
_citation.journal_full              ? 
_citation.journal_issue             ? 
_citation.journal_volume            ? 
_citation.language                  ? 
_citation.page_first                ? 
_citation.page_last                 ? 
_citation.title                     'The binding specificity of RuTAP2dppz' 
_citation.year                      ? 
_citation.database_id_CSD           ? 
_citation.pdbx_database_id_DOI      ? 
_citation.pdbx_database_id_PubMed   ? 
_citation.unpublished_flag          ? 
# 
loop_
_citation_author.citation_id 
_citation_author.name 
_citation_author.ordinal 
_citation_author.identifier_ORCID 
primary 'Souter, J.E.'  1 ? 
primary 'Hall, J.P.'    2 ? 
primary 'Gurung, S.P.'  3 ? 
primary 'Brazier, J.A.' 4 ? 
primary 'Cardin, C.J.'  5 ? 
# 
loop_
_entity.id 
_entity.type 
_entity.src_method 
_entity.pdbx_description 
_entity.formula_weight 
_entity.pdbx_number_of_molecules 
_entity.pdbx_ec 
_entity.pdbx_mutation 
_entity.pdbx_fragment 
_entity.details 
1 polymer     syn 
;DNA (5'-D(*CP*CP*GP*GP*GP*CP*CP*CP*GP*G)-3')
;
3046.980 1  ? ? ? ? 
2 non-polymer syn 'BARIUM ION'                                   137.327  1  ? ? ? ? 
3 non-polymer syn 'Ru(tap)2(dppz) complex'                       747.732  1  ? ? ? ? 
4 water       nat water                                          18.015   30 ? ? ? ? 
# 
_entity_poly.entity_id                      1 
_entity_poly.type                           polydeoxyribonucleotide 
_entity_poly.nstd_linkage                   no 
_entity_poly.nstd_monomer                   no 
_entity_poly.pdbx_seq_one_letter_code       '(DC)(DC)(DG)(DG)(DG)(DC)(DC)(DC)(DG)(DG)' 
_entity_poly.pdbx_seq_one_letter_code_can   CCGGGCCCGG 
_entity_poly.pdbx_strand_id                 C 
_entity_poly.pdbx_target_identifier         ? 
# 
loop_
_pdbx_entity_nonpoly.entity_id 
_pdbx_entity_nonpoly.name 
_pdbx_entity_nonpoly.comp_id 
2 'BARIUM ION'             BA  
3 'Ru(tap)2(dppz) complex' RKL 
4 water                    HOH 
# 
loop_
_entity_poly_seq.entity_id 
_entity_poly_seq.num 
_entity_poly_seq.mon_id 
_entity_poly_seq.hetero 
1 1  DC n 
1 2  DC n 
1 3  DG n 
1 4  DG n 
1 5  DG n 
1 6  DC n 
1 7  DC n 
1 8  DC n 
1 9  DG n 
1 10 DG n 
# 
_pdbx_entity_src_syn.entity_id              1 
_pdbx_entity_src_syn.pdbx_src_id            1 
_pdbx_entity_src_syn.pdbx_alt_source_flag   sample 
_pdbx_entity_src_syn.pdbx_beg_seq_num       1 
_pdbx_entity_src_syn.pdbx_end_seq_num       10 
_pdbx_entity_src_syn.organism_scientific    'synthetic construct' 
_pdbx_entity_src_syn.organism_common_name   ? 
_pdbx_entity_src_syn.ncbi_taxonomy_id       32630 
_pdbx_entity_src_syn.details                ? 
# 
loop_
_chem_comp.id 
_chem_comp.type 
_chem_comp.mon_nstd_flag 
_chem_comp.name 
_chem_comp.pdbx_synonyms 
_chem_comp.formula 
_chem_comp.formula_weight 
BA  non-polymer   . 'BARIUM ION'                         ? 'Ba 2'             137.327 
DC  'DNA linking' y "2'-DEOXYCYTIDINE-5'-MONOPHOSPHATE"  ? 'C9 H14 N3 O7 P'   307.197 
DG  'DNA linking' y "2'-DEOXYGUANOSINE-5'-MONOPHOSPHATE" ? 'C10 H14 N5 O7 P'  347.221 
HOH non-polymer   . WATER                                ? 'H2 O'             18.015  
RKL non-polymer   . 'Ru(tap)2(dppz) complex'             ? 'C38 H22 N12 Ru 2' 747.732 
# 
loop_
_pdbx_poly_seq_scheme.asym_id 
_pdbx_poly_seq_scheme.entity_id 
_pdbx_poly_seq_scheme.seq_id 
_pdbx_poly_seq_scheme.mon_id 
_pdbx_poly_seq_scheme.ndb_seq_num 
_pdbx_poly_seq_scheme.pdb_seq_num 
_pdbx_poly_seq_scheme.auth_seq_num 
_pdbx_poly_seq_scheme.pdb_mon_id 
_pdbx_poly_seq_scheme.auth_mon_id 
_pdbx_poly_seq_scheme.pdb_strand_id 
_pdbx_poly_seq_scheme.pdb_ins_code 
_pdbx_poly_seq_scheme.hetero 
A 1 1  DC 1  1  1  DC DC C . n 
A 1 2  DC 2  2  2  DC DC C . n 
A 1 3  DG 3  3  3  DG DG C . n 
A 1 4  DG 4  4  4  DG DG C . n 
A 1 5  DG 5  5  5  DG DG C . n 
A 1 6  DC 6  6  6  DC DC C . n 
A 1 7  DC 7  7  7  DC DC C . n 
A 1 8  DC 8  8  8  DC DC C . n 
A 1 9  DG 9  9  9  DG DG C . n 
A 1 10 DG 10 10 10 DG DG C . n 
# 
loop_
_pdbx_nonpoly_scheme.asym_id 
_pdbx_nonpoly_scheme.entity_id 
_pdbx_nonpoly_scheme.mon_id 
_pdbx_nonpoly_scheme.ndb_seq_num 
_pdbx_nonpoly_scheme.pdb_seq_num 
_pdbx_nonpoly_scheme.auth_seq_num 
_pdbx_nonpoly_scheme.pdb_mon_id 
_pdbx_nonpoly_scheme.auth_mon_id 
_pdbx_nonpoly_scheme.pdb_strand_id 
_pdbx_nonpoly_scheme.pdb_ins_code 
B 2 BA  1  101 3  BA  BA  C . 
C 3 RKL 1  102 11 RKL RKL C . 
D 4 HOH 1  201 43 HOH HOH C . 
D 4 HOH 2  202 29 HOH HOH C . 
D 4 HOH 3  203 16 HOH HOH C . 
D 4 HOH 4  204 21 HOH HOH C . 
D 4 HOH 5  205 9  HOH HOH C . 
D 4 HOH 6  206 7  HOH HOH C . 
D 4 HOH 7  207 20 HOH HOH C . 
D 4 HOH 8  208 51 HOH HOH C . 
D 4 HOH 9  209 28 HOH HOH C . 
D 4 HOH 10 210 40 HOH HOH C . 
D 4 HOH 11 211 4  HOH HOH C . 
D 4 HOH 12 212 55 HOH HOH C . 
D 4 HOH 13 213 36 HOH HOH C . 
D 4 HOH 14 214 33 HOH HOH C . 
D 4 HOH 15 215 6  HOH HOH C . 
D 4 HOH 16 216 3  HOH HOH C . 
D 4 HOH 17 217 38 HOH HOH C . 
D 4 HOH 18 218 60 HOH HOH C . 
D 4 HOH 19 219 39 HOH HOH C . 
D 4 HOH 20 220 23 HOH HOH C . 
D 4 HOH 21 221 2  HOH HOH C . 
D 4 HOH 22 222 45 HOH HOH C . 
D 4 HOH 23 223 59 HOH HOH C . 
D 4 HOH 24 224 26 HOH HOH C . 
D 4 HOH 25 225 61 HOH HOH C . 
D 4 HOH 26 226 19 HOH HOH C . 
D 4 HOH 27 227 58 HOH HOH C . 
D 4 HOH 28 228 57 HOH HOH C . 
D 4 HOH 29 229 53 HOH HOH C . 
D 4 HOH 30 230 24 HOH HOH C . 
# 
loop_
_software.citation_id 
_software.classification 
_software.compiler_name 
_software.compiler_version 
_software.contact_author 
_software.contact_author_email 
_software.date 
_software.description 
_software.dependencies 
_software.hardware 
_software.language 
_software.location 
_software.mods 
_software.name 
_software.os 
_software.os_version 
_software.type 
_software.version 
_software.pdbx_ordinal 
? refinement       ? ? ? ? ? ? ? ? ? ? ? REFMAC  ? ? ? 5.8.0135 1 
? 'data reduction' ? ? ? ? ? ? ? ? ? ? ? XDS     ? ? ? .        2 
? 'data scaling'   ? ? ? ? ? ? ? ? ? ? ? XSCALE  ? ? ? .        3 
? phasing          ? ? ? ? ? ? ? ? ? ? ? SHELXDE ? ? ? .        4 
? 'data reduction' ? ? ? ? ? ? ? ? ? ? ? xia2    ? ? ? .        5 
# 
_cell.angle_alpha                  90.00 
_cell.angle_alpha_esd              ? 
_cell.angle_beta                   90.00 
_cell.angle_beta_esd               ? 
_cell.angle_gamma                  90.00 
_cell.angle_gamma_esd              ? 
_cell.entry_id                     5IWJ 
_cell.details                      ? 
_cell.formula_units_Z              ? 
_cell.length_a                     46.783 
_cell.length_a_esd                 ? 
_cell.length_b                     46.783 
_cell.length_b_esd                 ? 
_cell.length_c                     34.948 
_cell.length_c_esd                 ? 
_cell.volume                       ? 
_cell.volume_esd                   ? 
_cell.Z_PDB                        8 
_cell.reciprocal_angle_alpha       ? 
_cell.reciprocal_angle_beta        ? 
_cell.reciprocal_angle_gamma       ? 
_cell.reciprocal_angle_alpha_esd   ? 
_cell.reciprocal_angle_beta_esd    ? 
_cell.reciprocal_angle_gamma_esd   ? 
_cell.reciprocal_length_a          ? 
_cell.reciprocal_length_b          ? 
_cell.reciprocal_length_c          ? 
_cell.reciprocal_length_a_esd      ? 
_cell.reciprocal_length_b_esd      ? 
_cell.reciprocal_length_c_esd      ? 
_cell.pdbx_unique_axis             ? 
# 
_symmetry.entry_id                         5IWJ 
_symmetry.cell_setting                     ? 
_symmetry.Int_Tables_number                96 
_symmetry.space_group_name_Hall            ? 
_symmetry.space_group_name_H-M             'P 43 21 2' 
_symmetry.pdbx_full_space_group_name_H-M   ? 
# 
_exptl.absorpt_coefficient_mu     ? 
_exptl.absorpt_correction_T_max   ? 
_exptl.absorpt_correction_T_min   ? 
_exptl.absorpt_correction_type    ? 
_exptl.absorpt_process_details    ? 
_exptl.entry_id                   5IWJ 
_exptl.crystals_number            1 
_exptl.details                    ? 
_exptl.method                     'X-RAY DIFFRACTION' 
_exptl.method_details             ? 
# 
_exptl_crystal.colour                      ? 
_exptl_crystal.density_diffrn              ? 
_exptl_crystal.density_Matthews            3.14 
_exptl_crystal.density_method              ? 
_exptl_crystal.density_percent_sol         60.80 
_exptl_crystal.description                 ? 
_exptl_crystal.F_000                       ? 
_exptl_crystal.id                          1 
_exptl_crystal.preparation                 ? 
_exptl_crystal.size_max                    ? 
_exptl_crystal.size_mid                    ? 
_exptl_crystal.size_min                    ? 
_exptl_crystal.size_rad                    ? 
_exptl_crystal.colour_lustre               ? 
_exptl_crystal.colour_modifier             ? 
_exptl_crystal.colour_primary              ? 
_exptl_crystal.density_meas                ? 
_exptl_crystal.density_meas_esd            ? 
_exptl_crystal.density_meas_gt             ? 
_exptl_crystal.density_meas_lt             ? 
_exptl_crystal.density_meas_temp           ? 
_exptl_crystal.density_meas_temp_esd       ? 
_exptl_crystal.density_meas_temp_gt        ? 
_exptl_crystal.density_meas_temp_lt        ? 
_exptl_crystal.pdbx_crystal_image_url      ? 
_exptl_crystal.pdbx_crystal_image_format   ? 
_exptl_crystal.pdbx_mosaicity              ? 
_exptl_crystal.pdbx_mosaicity_esd          ? 
# 
_exptl_crystal_grow.apparatus       ? 
_exptl_crystal_grow.atmosphere      ? 
_exptl_crystal_grow.crystal_id      1 
_exptl_crystal_grow.details         ? 
_exptl_crystal_grow.method          'VAPOR DIFFUSION, HANGING DROP' 
_exptl_crystal_grow.method_ref      ? 
_exptl_crystal_grow.pH              ? 
_exptl_crystal_grow.pressure        ? 
_exptl_crystal_grow.pressure_esd    ? 
_exptl_crystal_grow.seeding         ? 
_exptl_crystal_grow.seeding_ref     ? 
_exptl_crystal_grow.temp            291 
_exptl_crystal_grow.temp_details    ? 
_exptl_crystal_grow.temp_esd        ? 
_exptl_crystal_grow.time            ? 
_exptl_crystal_grow.pdbx_details    
;1uL 2mM ss oligonucleotide, 1uL 3mM rac-RuTAP2dppz, 6uL of a solution containing 20mM BaCl2, 80mM KCl, 10% (V/V) hexylene glycol, 12mM spermine, 40mM Na-cacodylate pH 7
;
_exptl_crystal_grow.pdbx_pH_range   ? 
# 
_diffrn.ambient_environment    ? 
_diffrn.ambient_temp           100 
_diffrn.ambient_temp_details   ? 
_diffrn.ambient_temp_esd       ? 
_diffrn.crystal_id             1 
_diffrn.crystal_support        ? 
_diffrn.crystal_treatment      ? 
_diffrn.details                ? 
_diffrn.id                     1 
_diffrn.ambient_pressure       ? 
_diffrn.ambient_pressure_esd   ? 
_diffrn.ambient_pressure_gt    ? 
_diffrn.ambient_pressure_lt    ? 
_diffrn.ambient_temp_gt        ? 
_diffrn.ambient_temp_lt        ? 
# 
_diffrn_detector.details                      ? 
_diffrn_detector.detector                     PIXEL 
_diffrn_detector.diffrn_id                    1 
_diffrn_detector.type                         'DECTRIS PILATUS 6M-F' 
_diffrn_detector.area_resol_mean              ? 
_diffrn_detector.dtime                        ? 
_diffrn_detector.pdbx_frames_total            ? 
_diffrn_detector.pdbx_collection_time_total   ? 
_diffrn_detector.pdbx_collection_date         2015-12-08 
# 
_diffrn_radiation.collimation                      ? 
_diffrn_radiation.diffrn_id                        1 
_diffrn_radiation.filter_edge                      ? 
_diffrn_radiation.inhomogeneity                    ? 
_diffrn_radiation.monochromator                    ? 
_diffrn_radiation.polarisn_norm                    ? 
_diffrn_radiation.polarisn_ratio                   ? 
_diffrn_radiation.probe                            ? 
_diffrn_radiation.type                             ? 
_diffrn_radiation.xray_symbol                      ? 
_diffrn_radiation.wavelength_id                    1 
_diffrn_radiation.pdbx_monochromatic_or_laue_m_l   M 
_diffrn_radiation.pdbx_wavelength_list             ? 
_diffrn_radiation.pdbx_wavelength                  ? 
_diffrn_radiation.pdbx_diffrn_protocol             'SINGLE WAVELENGTH' 
_diffrn_radiation.pdbx_analyzer                    ? 
_diffrn_radiation.pdbx_scattering_type             x-ray 
# 
_diffrn_radiation_wavelength.id           1 
_diffrn_radiation_wavelength.wavelength   0.97949 
_diffrn_radiation_wavelength.wt           1.0 
# 
_diffrn_source.current                     ? 
_diffrn_source.details                     ? 
_diffrn_source.diffrn_id                   1 
_diffrn_source.power                       ? 
_diffrn_source.size                        ? 
_diffrn_source.source                      SYNCHROTRON 
_diffrn_source.target                      ? 
_diffrn_source.type                        'DIAMOND BEAMLINE I02' 
_diffrn_source.voltage                     ? 
_diffrn_source.take-off_angle              ? 
_diffrn_source.pdbx_wavelength_list        0.97949 
_diffrn_source.pdbx_wavelength             ? 
_diffrn_source.pdbx_synchrotron_beamline   I02 
_diffrn_source.pdbx_synchrotron_site       Diamond 
# 
_reflns.B_iso_Wilson_estimate            ? 
_reflns.entry_id                         5IWJ 
_reflns.data_reduction_details           ? 
_reflns.data_reduction_method            ? 
_reflns.d_resolution_high                1.88 
_reflns.d_resolution_low                 28 
_reflns.details                          ? 
_reflns.limit_h_max                      ? 
_reflns.limit_h_min                      ? 
_reflns.limit_k_max                      ? 
_reflns.limit_k_min                      ? 
_reflns.limit_l_max                      ? 
_reflns.limit_l_min                      ? 
_reflns.number_all                       ? 
_reflns.number_obs                       3455 
_reflns.observed_criterion               ? 
_reflns.observed_criterion_F_max         ? 
_reflns.observed_criterion_F_min         ? 
_reflns.observed_criterion_I_max         ? 
_reflns.observed_criterion_I_min         ? 
_reflns.observed_criterion_sigma_F       ? 
_reflns.observed_criterion_sigma_I       ? 
_reflns.percent_possible_obs             100 
_reflns.R_free_details                   ? 
_reflns.Rmerge_F_all                     ? 
_reflns.Rmerge_F_obs                     ? 
_reflns.Friedel_coverage                 ? 
_reflns.number_gt                        ? 
_reflns.threshold_expression             ? 
_reflns.pdbx_redundancy                  11.9 
_reflns.pdbx_Rmerge_I_obs                0.04 
_reflns.pdbx_Rmerge_I_all                ? 
_reflns.pdbx_Rsym_value                  ? 
_reflns.pdbx_netI_over_av_sigmaI         ? 
_reflns.pdbx_netI_over_sigmaI            23.2 
_reflns.pdbx_res_netI_over_av_sigmaI_2   ? 
_reflns.pdbx_res_netI_over_sigmaI_2      ? 
_reflns.pdbx_chi_squared                 ? 
_reflns.pdbx_scaling_rejects             ? 
_reflns.pdbx_d_res_high_opt              ? 
_reflns.pdbx_d_res_low_opt               ? 
_reflns.pdbx_d_res_opt_method            ? 
_reflns.phase_calculation_details        ? 
_reflns.pdbx_Rrim_I_all                  ? 
_reflns.pdbx_Rpim_I_all                  ? 
_reflns.pdbx_d_opt                       ? 
_reflns.pdbx_number_measured_all         ? 
_reflns.pdbx_diffrn_id                   1 
_reflns.pdbx_ordinal                     1 
_reflns.pdbx_CC_half                     0.999 
_reflns.pdbx_R_split                     ? 
# 
_reflns_shell.d_res_high                  1.88 
_reflns_shell.d_res_low                   1.93 
_reflns_shell.meanI_over_sigI_all         ? 
_reflns_shell.meanI_over_sigI_obs         2.7 
_reflns_shell.number_measured_all         ? 
_reflns_shell.number_measured_obs         ? 
_reflns_shell.number_possible             ? 
_reflns_shell.number_unique_all           ? 
_reflns_shell.number_unique_obs           ? 
_reflns_shell.percent_possible_all        100 
_reflns_shell.percent_possible_obs        ? 
_reflns_shell.Rmerge_F_all                ? 
_reflns_shell.Rmerge_F_obs                ? 
_reflns_shell.Rmerge_I_all                ? 
_reflns_shell.Rmerge_I_obs                0.939 
_reflns_shell.meanI_over_sigI_gt          ? 
_reflns_shell.meanI_over_uI_all           ? 
_reflns_shell.meanI_over_uI_gt            ? 
_reflns_shell.number_measured_gt          ? 
_reflns_shell.number_unique_gt            ? 
_reflns_shell.percent_possible_gt         ? 
_reflns_shell.Rmerge_F_gt                 ? 
_reflns_shell.Rmerge_I_gt                 ? 
_reflns_shell.pdbx_redundancy             12.5 
_reflns_shell.pdbx_Rsym_value             ? 
_reflns_shell.pdbx_chi_squared            ? 
_reflns_shell.pdbx_netI_over_sigmaI_all   ? 
_reflns_shell.pdbx_netI_over_sigmaI_obs   ? 
_reflns_shell.pdbx_Rrim_I_all             ? 
_reflns_shell.pdbx_Rpim_I_all             ? 
_reflns_shell.pdbx_rejects                ? 
_reflns_shell.pdbx_ordinal                1 
_reflns_shell.pdbx_diffrn_id              1 
_reflns_shell.pdbx_CC_half                ? 
_reflns_shell.pdbx_R_split                ? 
# 
_refine.aniso_B[1][1]                            -0.82 
_refine.aniso_B[1][2]                            0.00 
_refine.aniso_B[1][3]                            0.00 
_refine.aniso_B[2][2]                            -0.82 
_refine.aniso_B[2][3]                            0.00 
_refine.aniso_B[3][3]                            1.63 
_refine.B_iso_max                                ? 
_refine.B_iso_mean                               50.684 
_refine.B_iso_min                                ? 
_refine.correlation_coeff_Fo_to_Fc               0.968 
_refine.correlation_coeff_Fo_to_Fc_free          0.937 
_refine.details                                  'HYDROGENS HAVE BEEN ADDED IN THE RIDING POSITIONS' 
_refine.diff_density_max                         ? 
_refine.diff_density_max_esd                     ? 
_refine.diff_density_min                         ? 
_refine.diff_density_min_esd                     ? 
_refine.diff_density_rms                         ? 
_refine.diff_density_rms_esd                     ? 
_refine.entry_id                                 5IWJ 
_refine.pdbx_refine_id                           'X-RAY DIFFRACTION' 
_refine.ls_abs_structure_details                 ? 
_refine.ls_abs_structure_Flack                   ? 
_refine.ls_abs_structure_Flack_esd               ? 
_refine.ls_abs_structure_Rogers                  ? 
_refine.ls_abs_structure_Rogers_esd              ? 
_refine.ls_d_res_high                            1.88 
_refine.ls_d_res_low                             28.00 
_refine.ls_extinction_coef                       ? 
_refine.ls_extinction_coef_esd                   ? 
_refine.ls_extinction_expression                 ? 
_refine.ls_extinction_method                     ? 
_refine.ls_goodness_of_fit_all                   ? 
_refine.ls_goodness_of_fit_all_esd               ? 
_refine.ls_goodness_of_fit_obs                   ? 
_refine.ls_goodness_of_fit_obs_esd               ? 
_refine.ls_hydrogen_treatment                    ? 
_refine.ls_matrix_type                           ? 
_refine.ls_number_constraints                    ? 
_refine.ls_number_parameters                     ? 
_refine.ls_number_reflns_all                     ? 
_refine.ls_number_reflns_obs                     3207 
_refine.ls_number_reflns_R_free                  193 
_refine.ls_number_reflns_R_work                  ? 
_refine.ls_number_restraints                     ? 
_refine.ls_percent_reflns_obs                    99.07 
_refine.ls_percent_reflns_R_free                 5.7 
_refine.ls_R_factor_all                          ? 
_refine.ls_R_factor_obs                          0.21403 
_refine.ls_R_factor_R_free                       0.27716 
_refine.ls_R_factor_R_free_error                 ? 
_refine.ls_R_factor_R_free_error_details         ? 
_refine.ls_R_factor_R_work                       0.21048 
_refine.ls_R_Fsqd_factor_obs                     ? 
_refine.ls_R_I_factor_obs                        ? 
_refine.ls_redundancy_reflns_all                 ? 
_refine.ls_redundancy_reflns_obs                 ? 
_refine.ls_restrained_S_all                      ? 
_refine.ls_restrained_S_obs                      ? 
_refine.ls_shift_over_esd_max                    ? 
_refine.ls_shift_over_esd_mean                   ? 
_refine.ls_structure_factor_coef                 ? 
_refine.ls_weighting_details                     ? 
_refine.ls_weighting_scheme                      ? 
_refine.ls_wR_factor_all                         ? 
_refine.ls_wR_factor_obs                         ? 
_refine.ls_wR_factor_R_free                      ? 
_refine.ls_wR_factor_R_work                      ? 
_refine.occupancy_max                            ? 
_refine.occupancy_min                            ? 
_refine.solvent_model_details                    ? 
_refine.solvent_model_param_bsol                 ? 
_refine.solvent_model_param_ksol                 ? 
_refine.ls_R_factor_gt                           ? 
_refine.ls_goodness_of_fit_gt                    ? 
_refine.ls_goodness_of_fit_ref                   ? 
_refine.ls_shift_over_su_max                     ? 
_refine.ls_shift_over_su_max_lt                  ? 
_refine.ls_shift_over_su_mean                    ? 
_refine.ls_shift_over_su_mean_lt                 ? 
_refine.pdbx_ls_sigma_I                          ? 
_refine.pdbx_ls_sigma_F                          ? 
_refine.pdbx_ls_sigma_Fsqd                       ? 
_refine.pdbx_data_cutoff_high_absF               ? 
_refine.pdbx_data_cutoff_high_rms_absF           ? 
_refine.pdbx_data_cutoff_low_absF                ? 
_refine.pdbx_isotropic_thermal_model             ? 
_refine.pdbx_ls_cross_valid_method               THROUGHOUT 
_refine.pdbx_method_to_determine_struct          SAD 
_refine.pdbx_starting_model                      ? 
_refine.pdbx_stereochemistry_target_values       ? 
_refine.pdbx_R_Free_selection_details            RANDOM 
_refine.pdbx_stereochem_target_val_spec_case     ? 
_refine.pdbx_overall_ESU_R                       0.150 
_refine.pdbx_overall_ESU_R_Free                  0.159 
_refine.pdbx_solvent_vdw_probe_radii             1.20 
_refine.pdbx_solvent_ion_probe_radii             0.80 
_refine.pdbx_solvent_shrinkage_radii             0.80 
_refine.pdbx_real_space_R                        ? 
_refine.pdbx_density_correlation                 ? 
_refine.pdbx_pd_number_of_powder_patterns        ? 
_refine.pdbx_pd_number_of_points                 ? 
_refine.pdbx_pd_meas_number_of_points            ? 
_refine.pdbx_pd_proc_ls_prof_R_factor            ? 
_refine.pdbx_pd_proc_ls_prof_wR_factor           ? 
_refine.pdbx_pd_Marquardt_correlation_coeff      ? 
_refine.pdbx_pd_Fsqrd_R_factor                   ? 
_refine.pdbx_pd_ls_matrix_band_width             ? 
_refine.pdbx_overall_phase_error                 ? 
_refine.pdbx_overall_SU_R_free_Cruickshank_DPI   ? 
_refine.pdbx_overall_SU_R_free_Blow_DPI          ? 
_refine.pdbx_overall_SU_R_Blow_DPI               ? 
_refine.pdbx_TLS_residual_ADP_flag               ? 
_refine.pdbx_diffrn_id                           1 
_refine.overall_SU_B                             4.736 
_refine.overall_SU_ML                            0.133 
_refine.overall_SU_R_Cruickshank_DPI             ? 
_refine.overall_SU_R_free                        ? 
_refine.overall_FOM_free_R_set                   ? 
_refine.overall_FOM_work_R_set                   ? 
_refine.pdbx_average_fsc_overall                 ? 
_refine.pdbx_average_fsc_work                    ? 
_refine.pdbx_average_fsc_free                    ? 
# 
_refine_hist.pdbx_refine_id                   'X-RAY DIFFRACTION' 
_refine_hist.cycle_id                         1 
_refine_hist.pdbx_number_atoms_protein        0 
_refine_hist.pdbx_number_atoms_nucleic_acid   202 
_refine_hist.pdbx_number_atoms_ligand         52 
_refine_hist.number_atoms_solvent             30 
_refine_hist.number_atoms_total               284 
_refine_hist.d_res_high                       1.88 
_refine_hist.d_res_low                        28.00 
# 
loop_
_refine_ls_restr.pdbx_refine_id 
_refine_ls_restr.criterion 
_refine_ls_restr.dev_ideal 
_refine_ls_restr.dev_ideal_target 
_refine_ls_restr.number 
_refine_ls_restr.rejects 
_refine_ls_restr.type 
_refine_ls_restr.weight 
_refine_ls_restr.pdbx_restraint_function 
'X-RAY DIFFRACTION' ? 0.010 0.013  290  ? r_bond_refined_d             ? ? 
'X-RAY DIFFRACTION' ? 0.002 0.020  133  ? r_bond_other_d               ? ? 
'X-RAY DIFFRACTION' ? 2.323 1.592  456  ? r_angle_refined_deg          ? ? 
'X-RAY DIFFRACTION' ? 1.463 3.000  305  ? r_angle_other_deg            ? ? 
'X-RAY DIFFRACTION' ? ?     ?      ?    ? r_dihedral_angle_1_deg       ? ? 
'X-RAY DIFFRACTION' ? ?     ?      ?    ? r_dihedral_angle_2_deg       ? ? 
'X-RAY DIFFRACTION' ? ?     ?      ?    ? r_dihedral_angle_3_deg       ? ? 
'X-RAY DIFFRACTION' ? ?     ?      ?    ? r_dihedral_angle_4_deg       ? ? 
'X-RAY DIFFRACTION' ? 0.066 0.200  30   ? r_chiral_restr               ? ? 
'X-RAY DIFFRACTION' ? 0.016 0.020  176  ? r_gen_planes_refined         ? ? 
'X-RAY DIFFRACTION' ? 0.002 0.020  80   ? r_gen_planes_other           ? ? 
'X-RAY DIFFRACTION' ? ?     ?      ?    ? r_nbd_refined                ? ? 
'X-RAY DIFFRACTION' ? ?     ?      ?    ? r_nbd_other                  ? ? 
'X-RAY DIFFRACTION' ? ?     ?      ?    ? r_nbtor_refined              ? ? 
'X-RAY DIFFRACTION' ? ?     ?      ?    ? r_nbtor_other                ? ? 
'X-RAY DIFFRACTION' ? ?     ?      ?    ? r_xyhbond_nbd_refined        ? ? 
'X-RAY DIFFRACTION' ? ?     ?      ?    ? r_xyhbond_nbd_other          ? ? 
'X-RAY DIFFRACTION' ? ?     ?      ?    ? r_metal_ion_refined          ? ? 
'X-RAY DIFFRACTION' ? ?     ?      ?    ? r_metal_ion_other            ? ? 
'X-RAY DIFFRACTION' ? ?     ?      ?    ? r_symmetry_vdw_refined       ? ? 
'X-RAY DIFFRACTION' ? ?     ?      ?    ? r_symmetry_vdw_other         ? ? 
'X-RAY DIFFRACTION' ? ?     ?      ?    ? r_symmetry_hbond_refined     ? ? 
'X-RAY DIFFRACTION' ? ?     ?      ?    ? r_symmetry_hbond_other       ? ? 
'X-RAY DIFFRACTION' ? ?     ?      ?    ? r_symmetry_metal_ion_refined ? ? 
'X-RAY DIFFRACTION' ? ?     ?      ?    ? r_symmetry_metal_ion_other   ? ? 
'X-RAY DIFFRACTION' ? ?     ?      ?    ? r_mcbond_it                  ? ? 
'X-RAY DIFFRACTION' ? ?     ?      ?    ? r_mcbond_other               ? ? 
'X-RAY DIFFRACTION' ? ?     ?      ?    ? r_mcangle_it                 ? ? 
'X-RAY DIFFRACTION' ? ?     ?      ?    ? r_mcangle_other              ? ? 
'X-RAY DIFFRACTION' ? 2.253 5.120  290  ? r_scbond_it                  ? ? 
'X-RAY DIFFRACTION' ? 2.249 5.120  289  ? r_scbond_other               ? ? 
'X-RAY DIFFRACTION' ? ?     ?      ?    ? r_scangle_it                 ? ? 
'X-RAY DIFFRACTION' ? 3.192 7.640  457  ? r_scangle_other              ? ? 
'X-RAY DIFFRACTION' ? 5.171 53.440 1215 ? r_long_range_B_refined       ? ? 
'X-RAY DIFFRACTION' ? 5.112 53.433 1201 ? r_long_range_B_other         ? ? 
'X-RAY DIFFRACTION' ? ?     ?      ?    ? r_rigid_bond_restr           ? ? 
'X-RAY DIFFRACTION' ? ?     ?      ?    ? r_sphericity_free            ? ? 
'X-RAY DIFFRACTION' ? ?     ?      ?    ? r_sphericity_bonded          ? ? 
# 
_refine_ls_shell.pdbx_refine_id                   'X-RAY DIFFRACTION' 
_refine_ls_shell.d_res_high                       1.880 
_refine_ls_shell.d_res_low                        1.929 
_refine_ls_shell.number_reflns_all                ? 
_refine_ls_shell.number_reflns_obs                ? 
_refine_ls_shell.number_reflns_R_free             11 
_refine_ls_shell.number_reflns_R_work             217 
_refine_ls_shell.percent_reflns_obs               96.20 
_refine_ls_shell.percent_reflns_R_free            ? 
_refine_ls_shell.R_factor_all                     ? 
_refine_ls_shell.R_factor_obs                     ? 
_refine_ls_shell.R_factor_R_free                  0.446 
_refine_ls_shell.R_factor_R_free_error            ? 
_refine_ls_shell.R_factor_R_work                  0.333 
_refine_ls_shell.redundancy_reflns_all            ? 
_refine_ls_shell.redundancy_reflns_obs            ? 
_refine_ls_shell.wR_factor_all                    ? 
_refine_ls_shell.wR_factor_obs                    ? 
_refine_ls_shell.wR_factor_R_free                 ? 
_refine_ls_shell.wR_factor_R_work                 ? 
_refine_ls_shell.pdbx_total_number_of_bins_used   20 
_refine_ls_shell.pdbx_phase_error                 ? 
_refine_ls_shell.pdbx_fsc_work                    ? 
_refine_ls_shell.pdbx_fsc_free                    ? 
# 
_struct.entry_id                     5IWJ 
_struct.title                        'LAmbda-[Ru(TAP)2(dppz)]2+ bound to d(CCGGGCCCGG' 
_struct.pdbx_model_details           ? 
_struct.pdbx_formula_weight          ? 
_struct.pdbx_formula_weight_method   ? 
_struct.pdbx_model_type_details      ? 
_struct.pdbx_CASP_flag               ? 
# 
_struct_keywords.entry_id        5IWJ 
_struct_keywords.text            'Ruthenium, photooxidising, DNA, intercalation' 
_struct_keywords.pdbx_keywords   DNA 
# 
loop_
_struct_asym.id 
_struct_asym.pdbx_blank_PDB_chainid_flag 
_struct_asym.pdbx_modified 
_struct_asym.entity_id 
_struct_asym.details 
A N N 1 ? 
B N N 2 ? 
C N N 3 ? 
D N N 4 ? 
# 
_struct_ref.id                         1 
_struct_ref.db_name                    PDB 
_struct_ref.db_code                    5IWJ 
_struct_ref.pdbx_db_accession          5IWJ 
_struct_ref.pdbx_db_isoform            ? 
_struct_ref.entity_id                  1 
_struct_ref.pdbx_seq_one_letter_code   ? 
_struct_ref.pdbx_align_begin           1 
# 
_struct_ref_seq.align_id                      1 
_struct_ref_seq.ref_id                        1 
_struct_ref_seq.pdbx_PDB_id_code              5IWJ 
_struct_ref_seq.pdbx_strand_id                C 
_struct_ref_seq.seq_align_beg                 1 
_struct_ref_seq.pdbx_seq_align_beg_ins_code   ? 
_struct_ref_seq.seq_align_end                 10 
_struct_ref_seq.pdbx_seq_align_end_ins_code   ? 
_struct_ref_seq.pdbx_db_accession             5IWJ 
_struct_ref_seq.db_align_beg                  1 
_struct_ref_seq.pdbx_db_align_beg_ins_code    ? 
_struct_ref_seq.db_align_end                  10 
_struct_ref_seq.pdbx_db_align_end_ins_code    ? 
_struct_ref_seq.pdbx_auth_seq_align_beg       1 
_struct_ref_seq.pdbx_auth_seq_align_end       10 
# 
_pdbx_struct_assembly.id                   1 
_pdbx_struct_assembly.details              software_defined_assembly 
_pdbx_struct_assembly.method_details       PISA 
_pdbx_struct_assembly.oligomeric_details   dimeric 
_pdbx_struct_assembly.oligomeric_count     2 
# 
loop_
_pdbx_struct_assembly_prop.biol_id 
_pdbx_struct_assembly_prop.type 
_pdbx_struct_assembly_prop.value 
_pdbx_struct_assembly_prop.details 
1 'ABSA (A^2)' 2050 ? 
1 MORE         -25  ? 
1 'SSA (A^2)'  4380 ? 
# 
_pdbx_struct_assembly_gen.assembly_id       1 
_pdbx_struct_assembly_gen.oper_expression   1,2 
_pdbx_struct_assembly_gen.asym_id_list      A,B,C,D 
# 
loop_
_pdbx_struct_oper_list.id 
_pdbx_struct_oper_list.type 
_pdbx_struct_oper_list.name 
_pdbx_struct_oper_list.symmetry_operation 
_pdbx_struct_oper_list.matrix[1][1] 
_pdbx_struct_oper_list.matrix[1][2] 
_pdbx_struct_oper_list.matrix[1][3] 
_pdbx_struct_oper_list.vector[1] 
_pdbx_struct_oper_list.matrix[2][1] 
_pdbx_struct_oper_list.matrix[2][2] 
_pdbx_struct_oper_list.matrix[2][3] 
_pdbx_struct_oper_list.vector[2] 
_pdbx_struct_oper_list.matrix[3][1] 
_pdbx_struct_oper_list.matrix[3][2] 
_pdbx_struct_oper_list.matrix[3][3] 
_pdbx_struct_oper_list.vector[3] 
1 'identity operation'         1_555 x,y,z            1.0000000000  0.0000000000  0.0000000000 0.0000000000 0.0000000000  1.0000000000  0.0000000000  0.0000000000 0.0000000000 0.0000000000  1.0000000000 0.0000000000 
2 'crystal symmetry operation' 8_774 -y+2,-x+2,-z-1/2 -0.4158774956 -0.3440258745 0.8418385275 4.7085312043 -0.3440258745 -0.7973818823 -0.4958107819 9.9376837136 0.8418385275 -0.4958107819 0.2132593779 0.7940492975 
# 
loop_
_struct_conn.id 
_struct_conn.conn_type_id 
_struct_conn.pdbx_leaving_atom_flag 
_struct_conn.pdbx_PDB_id 
_struct_conn.ptnr1_label_asym_id 
_struct_conn.ptnr1_label_comp_id 
_struct_conn.ptnr1_label_seq_id 
_struct_conn.ptnr1_label_atom_id 
_struct_conn.pdbx_ptnr1_label_alt_id 
_struct_conn.pdbx_ptnr1_PDB_ins_code 
_struct_conn.pdbx_ptnr1_standard_comp_id 
_struct_conn.ptnr1_symmetry 
_struct_conn.ptnr2_label_asym_id 
_struct_conn.ptnr2_label_comp_id 
_struct_conn.ptnr2_label_seq_id 
_struct_conn.ptnr2_label_atom_id 
_struct_conn.pdbx_ptnr2_label_alt_id 
_struct_conn.pdbx_ptnr2_PDB_ins_code 
_struct_conn.ptnr1_auth_asym_id 
_struct_conn.ptnr1_auth_comp_id 
_struct_conn.ptnr1_auth_seq_id 
_struct_conn.ptnr2_auth_asym_id 
_struct_conn.ptnr2_auth_comp_id 
_struct_conn.ptnr2_auth_seq_id 
_struct_conn.ptnr2_symmetry 
_struct_conn.pdbx_ptnr3_label_atom_id 
_struct_conn.pdbx_ptnr3_label_seq_id 
_struct_conn.pdbx_ptnr3_label_comp_id 
_struct_conn.pdbx_ptnr3_label_asym_id 
_struct_conn.pdbx_ptnr3_label_alt_id 
_struct_conn.pdbx_ptnr3_PDB_ins_code 
_struct_conn.details 
_struct_conn.pdbx_dist_value 
_struct_conn.pdbx_value_order 
_struct_conn.pdbx_role 
metalc1  metalc ? ? A DG 4  O6 ? ? ? 1_555 B BA  .  BA ? ? C DG 4   C BA  101 1_555 ? ? ? ? ? ? ?            2.903 ? ? 
metalc2  metalc ? ? B BA .  BA ? ? ? 1_555 D HOH .  O  ? ? C BA 101 C HOH 206 1_555 ? ? ? ? ? ? ?            2.746 ? ? 
metalc3  metalc ? ? B BA .  BA ? ? ? 1_555 D HOH .  O  ? ? C BA 101 C HOH 208 1_555 ? ? ? ? ? ? ?            3.101 ? ? 
metalc4  metalc ? ? B BA .  BA ? ? ? 1_555 D HOH .  O  ? ? C BA 101 C HOH 209 1_555 ? ? ? ? ? ? ?            2.698 ? ? 
metalc5  metalc ? ? B BA .  BA ? ? ? 1_555 D HOH .  O  ? ? C BA 101 C HOH 213 8_774 ? ? ? ? ? ? ?            2.836 ? ? 
metalc6  metalc ? ? B BA .  BA ? ? ? 1_555 D HOH .  O  ? ? C BA 101 C HOH 215 1_555 ? ? ? ? ? ? ?            2.676 ? ? 
hydrog1  hydrog ? ? A DC 1  N4 ? ? ? 1_555 A DG  10 O6 ? ? C DC 1   C DG  10  8_774 ? ? ? ? ? ? 'DC-DG PAIR' ?     ? ? 
hydrog2  hydrog ? ? A DC 2  N3 ? ? ? 1_555 A DG  9  N1 ? ? C DC 2   C DG  9   8_774 ? ? ? ? ? ? WATSON-CRICK ?     ? ? 
hydrog3  hydrog ? ? A DC 2  N4 ? ? ? 1_555 A DG  9  O6 ? ? C DC 2   C DG  9   8_774 ? ? ? ? ? ? WATSON-CRICK ?     ? ? 
hydrog4  hydrog ? ? A DC 2  O2 ? ? ? 1_555 A DG  9  N2 ? ? C DC 2   C DG  9   8_774 ? ? ? ? ? ? WATSON-CRICK ?     ? ? 
hydrog5  hydrog ? ? A DG 3  N1 ? ? ? 1_555 A DC  8  N3 ? ? C DG 3   C DC  8   8_774 ? ? ? ? ? ? WATSON-CRICK ?     ? ? 
hydrog6  hydrog ? ? A DG 3  N2 ? ? ? 1_555 A DC  8  O2 ? ? C DG 3   C DC  8   8_774 ? ? ? ? ? ? WATSON-CRICK ?     ? ? 
hydrog7  hydrog ? ? A DG 3  O6 ? ? ? 1_555 A DC  8  N4 ? ? C DG 3   C DC  8   8_774 ? ? ? ? ? ? WATSON-CRICK ?     ? ? 
hydrog8  hydrog ? ? A DG 4  N1 ? ? ? 1_555 A DC  7  N3 ? ? C DG 4   C DC  7   8_774 ? ? ? ? ? ? WATSON-CRICK ?     ? ? 
hydrog9  hydrog ? ? A DG 4  N2 ? ? ? 1_555 A DC  7  O2 ? ? C DG 4   C DC  7   8_774 ? ? ? ? ? ? WATSON-CRICK ?     ? ? 
hydrog10 hydrog ? ? A DG 4  O6 ? ? ? 1_555 A DC  7  N4 ? ? C DG 4   C DC  7   8_774 ? ? ? ? ? ? WATSON-CRICK ?     ? ? 
hydrog11 hydrog ? ? A DG 5  N1 ? ? ? 1_555 A DC  6  N3 ? ? C DG 5   C DC  6   8_774 ? ? ? ? ? ? WATSON-CRICK ?     ? ? 
hydrog12 hydrog ? ? A DG 5  N2 ? ? ? 1_555 A DC  6  O2 ? ? C DG 5   C DC  6   8_774 ? ? ? ? ? ? WATSON-CRICK ?     ? ? 
hydrog13 hydrog ? ? A DG 5  O6 ? ? ? 1_555 A DC  6  N4 ? ? C DG 5   C DC  6   8_774 ? ? ? ? ? ? WATSON-CRICK ?     ? ? 
hydrog14 hydrog ? ? A DC 6  N3 ? ? ? 1_555 A DG  5  N1 ? ? C DC 6   C DG  5   8_774 ? ? ? ? ? ? WATSON-CRICK ?     ? ? 
hydrog15 hydrog ? ? A DC 6  N4 ? ? ? 1_555 A DG  5  O6 ? ? C DC 6   C DG  5   8_774 ? ? ? ? ? ? WATSON-CRICK ?     ? ? 
hydrog16 hydrog ? ? A DC 6  O2 ? ? ? 1_555 A DG  5  N2 ? ? C DC 6   C DG  5   8_774 ? ? ? ? ? ? WATSON-CRICK ?     ? ? 
hydrog17 hydrog ? ? A DC 7  N3 ? ? ? 1_555 A DG  4  N1 ? ? C DC 7   C DG  4   8_774 ? ? ? ? ? ? WATSON-CRICK ?     ? ? 
hydrog18 hydrog ? ? A DC 7  N4 ? ? ? 1_555 A DG  4  O6 ? ? C DC 7   C DG  4   8_774 ? ? ? ? ? ? WATSON-CRICK ?     ? ? 
hydrog19 hydrog ? ? A DC 7  O2 ? ? ? 1_555 A DG  4  N2 ? ? C DC 7   C DG  4   8_774 ? ? ? ? ? ? WATSON-CRICK ?     ? ? 
hydrog20 hydrog ? ? A DC 8  N3 ? ? ? 1_555 A DG  3  N1 ? ? C DC 8   C DG  3   8_774 ? ? ? ? ? ? WATSON-CRICK ?     ? ? 
hydrog21 hydrog ? ? A DC 8  N4 ? ? ? 1_555 A DG  3  O6 ? ? C DC 8   C DG  3   8_774 ? ? ? ? ? ? WATSON-CRICK ?     ? ? 
hydrog22 hydrog ? ? A DC 8  O2 ? ? ? 1_555 A DG  3  N2 ? ? C DC 8   C DG  3   8_774 ? ? ? ? ? ? WATSON-CRICK ?     ? ? 
hydrog23 hydrog ? ? A DG 9  N1 ? ? ? 1_555 A DC  2  N3 ? ? C DG 9   C DC  2   8_774 ? ? ? ? ? ? WATSON-CRICK ?     ? ? 
hydrog24 hydrog ? ? A DG 9  N2 ? ? ? 1_555 A DC  2  O2 ? ? C DG 9   C DC  2   8_774 ? ? ? ? ? ? WATSON-CRICK ?     ? ? 
hydrog25 hydrog ? ? A DG 9  O6 ? ? ? 1_555 A DC  2  N4 ? ? C DG 9   C DC  2   8_774 ? ? ? ? ? ? WATSON-CRICK ?     ? ? 
hydrog26 hydrog ? ? A DG 10 O6 ? ? ? 1_555 A DC  1  N4 ? ? C DG 10  C DC  1   8_774 ? ? ? ? ? ? 'DG-DC PAIR' ?     ? ? 
# 
loop_
_struct_conn_type.id 
_struct_conn_type.criteria 
_struct_conn_type.reference 
metalc ? ? 
hydrog ? ? 
# 
loop_
_pdbx_struct_conn_angle.id 
_pdbx_struct_conn_angle.ptnr1_label_atom_id 
_pdbx_struct_conn_angle.ptnr1_label_alt_id 
_pdbx_struct_conn_angle.ptnr1_label_asym_id 
_pdbx_struct_conn_angle.ptnr1_label_comp_id 
_pdbx_struct_conn_angle.ptnr1_label_seq_id 
_pdbx_struct_conn_angle.ptnr1_auth_atom_id 
_pdbx_struct_conn_angle.ptnr1_auth_asym_id 
_pdbx_struct_conn_angle.ptnr1_auth_comp_id 
_pdbx_struct_conn_angle.ptnr1_auth_seq_id 
_pdbx_struct_conn_angle.ptnr1_PDB_ins_code 
_pdbx_struct_conn_angle.ptnr1_symmetry 
_pdbx_struct_conn_angle.ptnr2_label_atom_id 
_pdbx_struct_conn_angle.ptnr2_label_alt_id 
_pdbx_struct_conn_angle.ptnr2_label_asym_id 
_pdbx_struct_conn_angle.ptnr2_label_comp_id 
_pdbx_struct_conn_angle.ptnr2_label_seq_id 
_pdbx_struct_conn_angle.ptnr2_auth_atom_id 
_pdbx_struct_conn_angle.ptnr2_auth_asym_id 
_pdbx_struct_conn_angle.ptnr2_auth_comp_id 
_pdbx_struct_conn_angle.ptnr2_auth_seq_id 
_pdbx_struct_conn_angle.ptnr2_PDB_ins_code 
_pdbx_struct_conn_angle.ptnr2_symmetry 
_pdbx_struct_conn_angle.ptnr3_label_atom_id 
_pdbx_struct_conn_angle.ptnr3_label_alt_id 
_pdbx_struct_conn_angle.ptnr3_label_asym_id 
_pdbx_struct_conn_angle.ptnr3_label_comp_id 
_pdbx_struct_conn_angle.ptnr3_label_seq_id 
_pdbx_struct_conn_angle.ptnr3_auth_atom_id 
_pdbx_struct_conn_angle.ptnr3_auth_asym_id 
_pdbx_struct_conn_angle.ptnr3_auth_comp_id 
_pdbx_struct_conn_angle.ptnr3_auth_seq_id 
_pdbx_struct_conn_angle.ptnr3_PDB_ins_code 
_pdbx_struct_conn_angle.ptnr3_symmetry 
_pdbx_struct_conn_angle.value 
_pdbx_struct_conn_angle.value_esd 
1  O6 ? A DG  4 ? C DG  4   ? 1_555 BA ? B BA . ? C BA 101 ? 1_555 O ? D HOH . ? C HOH 206 ? 1_555 70.6  ? 
2  O6 ? A DG  4 ? C DG  4   ? 1_555 BA ? B BA . ? C BA 101 ? 1_555 O ? D HOH . ? C HOH 208 ? 1_555 77.2  ? 
3  O  ? D HOH . ? C HOH 206 ? 1_555 BA ? B BA . ? C BA 101 ? 1_555 O ? D HOH . ? C HOH 208 ? 1_555 130.7 ? 
4  O6 ? A DG  4 ? C DG  4   ? 1_555 BA ? B BA . ? C BA 101 ? 1_555 O ? D HOH . ? C HOH 209 ? 1_555 137.8 ? 
5  O  ? D HOH . ? C HOH 206 ? 1_555 BA ? B BA . ? C BA 101 ? 1_555 O ? D HOH . ? C HOH 209 ? 1_555 75.6  ? 
6  O  ? D HOH . ? C HOH 208 ? 1_555 BA ? B BA . ? C BA 101 ? 1_555 O ? D HOH . ? C HOH 209 ? 1_555 145.1 ? 
7  O6 ? A DG  4 ? C DG  4   ? 1_555 BA ? B BA . ? C BA 101 ? 1_555 O ? D HOH . ? C HOH 213 ? 8_774 73.6  ? 
8  O  ? D HOH . ? C HOH 206 ? 1_555 BA ? B BA . ? C BA 101 ? 1_555 O ? D HOH . ? C HOH 213 ? 8_774 64.8  ? 
9  O  ? D HOH . ? C HOH 208 ? 1_555 BA ? B BA . ? C BA 101 ? 1_555 O ? D HOH . ? C HOH 213 ? 8_774 71.0  ? 
10 O  ? D HOH . ? C HOH 209 ? 1_555 BA ? B BA . ? C BA 101 ? 1_555 O ? D HOH . ? C HOH 213 ? 8_774 113.6 ? 
11 O6 ? A DG  4 ? C DG  4   ? 1_555 BA ? B BA . ? C BA 101 ? 1_555 O ? D HOH . ? C HOH 215 ? 1_555 129.5 ? 
12 O  ? D HOH . ? C HOH 206 ? 1_555 BA ? B BA . ? C BA 101 ? 1_555 O ? D HOH . ? C HOH 215 ? 1_555 138.9 ? 
13 O  ? D HOH . ? C HOH 208 ? 1_555 BA ? B BA . ? C BA 101 ? 1_555 O ? D HOH . ? C HOH 215 ? 1_555 90.4  ? 
14 O  ? D HOH . ? C HOH 209 ? 1_555 BA ? B BA . ? C BA 101 ? 1_555 O ? D HOH . ? C HOH 215 ? 1_555 67.2  ? 
15 O  ? D HOH . ? C HOH 213 ? 8_774 BA ? B BA . ? C BA 101 ? 1_555 O ? D HOH . ? C HOH 215 ? 1_555 147.2 ? 
# 
loop_
_struct_site.id 
_struct_site.pdbx_evidence_code 
_struct_site.pdbx_auth_asym_id 
_struct_site.pdbx_auth_comp_id 
_struct_site.pdbx_auth_seq_id 
_struct_site.pdbx_auth_ins_code 
_struct_site.pdbx_num_residues 
_struct_site.details 
AC1 Software C BA  101 ? 7  'binding site for residue BA C 101'  
AC2 Software C RKL 102 ? 10 'binding site for residue RKL C 102' 
# 
loop_
_struct_site_gen.id 
_struct_site_gen.site_id 
_struct_site_gen.pdbx_num_res 
_struct_site_gen.label_comp_id 
_struct_site_gen.label_asym_id 
_struct_site_gen.label_seq_id 
_struct_site_gen.pdbx_auth_ins_code 
_struct_site_gen.auth_comp_id 
_struct_site_gen.auth_asym_id 
_struct_site_gen.auth_seq_id 
_struct_site_gen.label_atom_id 
_struct_site_gen.label_alt_id 
_struct_site_gen.symmetry 
_struct_site_gen.details 
1  AC1 7  DG  A 3  ? DG  C 3   . ? 1_555 ? 
2  AC1 7  DG  A 4  ? DG  C 4   . ? 1_555 ? 
3  AC1 7  HOH D .  ? HOH C 206 . ? 1_555 ? 
4  AC1 7  HOH D .  ? HOH C 209 . ? 1_555 ? 
5  AC1 7  HOH D .  ? HOH C 213 . ? 8_774 ? 
6  AC1 7  HOH D .  ? HOH C 215 . ? 1_555 ? 
7  AC1 7  HOH D .  ? HOH C 229 . ? 1_555 ? 
8  AC2 10 DC  A 1  ? DC  C 1   . ? 8_774 ? 
9  AC2 10 DC  A 2  ? DC  C 2   . ? 8_774 ? 
10 AC2 10 DG  A 3  ? DG  C 3   . ? 6_574 ? 
11 AC2 10 DG  A 3  ? DG  C 3   . ? 8_774 ? 
12 AC2 10 DG  A 4  ? DG  C 4   . ? 6_574 ? 
13 AC2 10 DC  A 7  ? DC  C 7   . ? 3_754 ? 
14 AC2 10 DC  A 8  ? DC  C 8   . ? 3_754 ? 
15 AC2 10 DG  A 9  ? DG  C 9   . ? 1_555 ? 
16 AC2 10 DG  A 10 ? DG  C 10  . ? 1_555 ? 
17 AC2 10 HOH D .  ? HOH C 205 . ? 3_754 ? 
# 
loop_
_chem_comp_atom.comp_id 
_chem_comp_atom.atom_id 
_chem_comp_atom.type_symbol 
_chem_comp_atom.pdbx_aromatic_flag 
_chem_comp_atom.pdbx_stereo_config 
_chem_comp_atom.pdbx_ordinal 
BA  BA     BA N N 1   
DC  OP3    O  N N 2   
DC  P      P  N N 3   
DC  OP1    O  N N 4   
DC  OP2    O  N N 5   
DC  "O5'"  O  N N 6   
DC  "C5'"  C  N N 7   
DC  "C4'"  C  N R 8   
DC  "O4'"  O  N N 9   
DC  "C3'"  C  N S 10  
DC  "O3'"  O  N N 11  
DC  "C2'"  C  N N 12  
DC  "C1'"  C  N R 13  
DC  N1     N  N N 14  
DC  C2     C  N N 15  
DC  O2     O  N N 16  
DC  N3     N  N N 17  
DC  C4     C  N N 18  
DC  N4     N  N N 19  
DC  C5     C  N N 20  
DC  C6     C  N N 21  
DC  HOP3   H  N N 22  
DC  HOP2   H  N N 23  
DC  "H5'"  H  N N 24  
DC  "H5''" H  N N 25  
DC  "H4'"  H  N N 26  
DC  "H3'"  H  N N 27  
DC  "HO3'" H  N N 28  
DC  "H2'"  H  N N 29  
DC  "H2''" H  N N 30  
DC  "H1'"  H  N N 31  
DC  H41    H  N N 32  
DC  H42    H  N N 33  
DC  H5     H  N N 34  
DC  H6     H  N N 35  
DG  OP3    O  N N 36  
DG  P      P  N N 37  
DG  OP1    O  N N 38  
DG  OP2    O  N N 39  
DG  "O5'"  O  N N 40  
DG  "C5'"  C  N N 41  
DG  "C4'"  C  N R 42  
DG  "O4'"  O  N N 43  
DG  "C3'"  C  N S 44  
DG  "O3'"  O  N N 45  
DG  "C2'"  C  N N 46  
DG  "C1'"  C  N R 47  
DG  N9     N  Y N 48  
DG  C8     C  Y N 49  
DG  N7     N  Y N 50  
DG  C5     C  Y N 51  
DG  C6     C  N N 52  
DG  O6     O  N N 53  
DG  N1     N  N N 54  
DG  C2     C  N N 55  
DG  N2     N  N N 56  
DG  N3     N  N N 57  
DG  C4     C  Y N 58  
DG  HOP3   H  N N 59  
DG  HOP2   H  N N 60  
DG  "H5'"  H  N N 61  
DG  "H5''" H  N N 62  
DG  "H4'"  H  N N 63  
DG  "H3'"  H  N N 64  
DG  "HO3'" H  N N 65  
DG  "H2'"  H  N N 66  
DG  "H2''" H  N N 67  
DG  "H1'"  H  N N 68  
DG  H8     H  N N 69  
DG  H1     H  N N 70  
DG  H21    H  N N 71  
DG  H22    H  N N 72  
HOH O      O  N N 73  
HOH H1     H  N N 74  
HOH H2     H  N N 75  
RKL RU     RU N N 76  
RKL C1     C  Y N 77  
RKL N1     N  Y N 78  
RKL C2     C  Y N 79  
RKL N2     N  Y N 80  
RKL C3     C  Y N 81  
RKL N3     N  Y N 82  
RKL C4     C  Y N 83  
RKL N4     N  Y N 84  
RKL C5     C  Y N 85  
RKL N5     N  Y N 86  
RKL C6     C  Y N 87  
RKL N6     N  Y N 88  
RKL C7     C  Y N 89  
RKL N7     N  Y N 90  
RKL C8     C  Y N 91  
RKL N8     N  Y N 92  
RKL C9     C  Y N 93  
RKL N9     N  Y N 94  
RKL C10    C  Y N 95  
RKL N10    N  Y N 96  
RKL C11    C  Y N 97  
RKL N11    N  Y N 98  
RKL C12    C  Y N 99  
RKL N12    N  Y N 100 
RKL C13    C  Y N 101 
RKL C14    C  Y N 102 
RKL C15    C  Y N 103 
RKL C16    C  Y N 104 
RKL C17    C  Y N 105 
RKL C18    C  Y N 106 
RKL C19    C  Y N 107 
RKL C20    C  Y N 108 
RKL C21    C  Y N 109 
RKL C22    C  Y N 110 
RKL C23    C  Y N 111 
RKL C24    C  Y N 112 
RKL C25    C  Y N 113 
RKL C26    C  Y N 114 
RKL C27    C  Y N 115 
RKL C28    C  Y N 116 
RKL C29    C  Y N 117 
RKL C30    C  Y N 118 
RKL C31    C  Y N 119 
RKL C32    C  Y N 120 
RKL C33    C  Y N 121 
RKL C34    C  Y N 122 
RKL C35    C  Y N 123 
RKL C36    C  Y N 124 
RKL C37    C  Y N 125 
RKL C38    C  Y N 126 
RKL H2     H  N N 127 
RKL H3     H  N N 128 
RKL H4     H  N N 129 
RKL H9     H  N N 130 
RKL H11    H  N N 131 
RKL H12    H  N N 132 
RKL H14    H  N N 133 
RKL H16    H  N N 134 
RKL H17    H  N N 135 
RKL H18    H  N N 136 
RKL H20    H  N N 137 
RKL H21    H  N N 138 
RKL H23    H  N N 139 
RKL H24    H  N N 140 
RKL H27    H  N N 141 
RKL H28    H  N N 142 
RKL H30    H  N N 143 
RKL H31    H  N N 144 
RKL H33    H  N N 145 
RKL H34    H  N N 146 
RKL H37    H  N N 147 
RKL H38    H  N N 148 
# 
loop_
_chem_comp_bond.comp_id 
_chem_comp_bond.atom_id_1 
_chem_comp_bond.atom_id_2 
_chem_comp_bond.value_order 
_chem_comp_bond.pdbx_aromatic_flag 
_chem_comp_bond.pdbx_stereo_config 
_chem_comp_bond.pdbx_ordinal 
DC  OP3   P      sing N N 1   
DC  OP3   HOP3   sing N N 2   
DC  P     OP1    doub N N 3   
DC  P     OP2    sing N N 4   
DC  P     "O5'"  sing N N 5   
DC  OP2   HOP2   sing N N 6   
DC  "O5'" "C5'"  sing N N 7   
DC  "C5'" "C4'"  sing N N 8   
DC  "C5'" "H5'"  sing N N 9   
DC  "C5'" "H5''" sing N N 10  
DC  "C4'" "O4'"  sing N N 11  
DC  "C4'" "C3'"  sing N N 12  
DC  "C4'" "H4'"  sing N N 13  
DC  "O4'" "C1'"  sing N N 14  
DC  "C3'" "O3'"  sing N N 15  
DC  "C3'" "C2'"  sing N N 16  
DC  "C3'" "H3'"  sing N N 17  
DC  "O3'" "HO3'" sing N N 18  
DC  "C2'" "C1'"  sing N N 19  
DC  "C2'" "H2'"  sing N N 20  
DC  "C2'" "H2''" sing N N 21  
DC  "C1'" N1     sing N N 22  
DC  "C1'" "H1'"  sing N N 23  
DC  N1    C2     sing N N 24  
DC  N1    C6     sing N N 25  
DC  C2    O2     doub N N 26  
DC  C2    N3     sing N N 27  
DC  N3    C4     doub N N 28  
DC  C4    N4     sing N N 29  
DC  C4    C5     sing N N 30  
DC  N4    H41    sing N N 31  
DC  N4    H42    sing N N 32  
DC  C5    C6     doub N N 33  
DC  C5    H5     sing N N 34  
DC  C6    H6     sing N N 35  
DG  OP3   P      sing N N 36  
DG  OP3   HOP3   sing N N 37  
DG  P     OP1    doub N N 38  
DG  P     OP2    sing N N 39  
DG  P     "O5'"  sing N N 40  
DG  OP2   HOP2   sing N N 41  
DG  "O5'" "C5'"  sing N N 42  
DG  "C5'" "C4'"  sing N N 43  
DG  "C5'" "H5'"  sing N N 44  
DG  "C5'" "H5''" sing N N 45  
DG  "C4'" "O4'"  sing N N 46  
DG  "C4'" "C3'"  sing N N 47  
DG  "C4'" "H4'"  sing N N 48  
DG  "O4'" "C1'"  sing N N 49  
DG  "C3'" "O3'"  sing N N 50  
DG  "C3'" "C2'"  sing N N 51  
DG  "C3'" "H3'"  sing N N 52  
DG  "O3'" "HO3'" sing N N 53  
DG  "C2'" "C1'"  sing N N 54  
DG  "C2'" "H2'"  sing N N 55  
DG  "C2'" "H2''" sing N N 56  
DG  "C1'" N9     sing N N 57  
DG  "C1'" "H1'"  sing N N 58  
DG  N9    C8     sing Y N 59  
DG  N9    C4     sing Y N 60  
DG  C8    N7     doub Y N 61  
DG  C8    H8     sing N N 62  
DG  N7    C5     sing Y N 63  
DG  C5    C6     sing N N 64  
DG  C5    C4     doub Y N 65  
DG  C6    O6     doub N N 66  
DG  C6    N1     sing N N 67  
DG  N1    C2     sing N N 68  
DG  N1    H1     sing N N 69  
DG  C2    N2     sing N N 70  
DG  C2    N3     doub N N 71  
DG  N2    H21    sing N N 72  
DG  N2    H22    sing N N 73  
DG  N3    C4     sing N N 74  
HOH O     H1     sing N N 75  
HOH O     H2     sing N N 76  
RKL RU    N1     sing N N 77  
RKL RU    N2     sing N N 78  
RKL RU    N5     sing N N 79  
RKL RU    N8     sing N N 80  
RKL RU    N9     sing N N 81  
RKL RU    N12    sing N N 82  
RKL C1    N2     doub Y N 83  
RKL C1    C5     sing Y N 84  
RKL C1    C10    sing Y N 85  
RKL N1    C10    doub Y N 86  
RKL N1    C12    sing Y N 87  
RKL C2    N2     sing Y N 88  
RKL C2    C3     doub Y N 89  
RKL C2    H2     sing N N 90  
RKL C3    C4     sing Y N 91  
RKL C3    H3     sing N N 92  
RKL N3    C6     doub Y N 93  
RKL N3    C15    sing Y N 94  
RKL C4    C5     doub Y N 95  
RKL C4    H4     sing N N 96  
RKL N4    C7     doub Y N 97  
RKL N4    C13    sing Y N 98  
RKL C5    C6     sing Y N 99  
RKL N5    C19    doub Y N 100 
RKL N5    C20    sing Y N 101 
RKL C6    C7     sing Y N 102 
RKL N6    C21    sing Y N 103 
RKL N6    C22    doub Y N 104 
RKL C7    C8     sing Y N 105 
RKL N7    C25    doub Y N 106 
RKL N7    C27    sing Y N 107 
RKL C8    C9     doub Y N 108 
RKL C8    C10    sing Y N 109 
RKL N8    C26    doub Y N 110 
RKL N8    C28    sing Y N 111 
RKL C9    C11    sing Y N 112 
RKL C9    H9     sing N N 113 
RKL N9    C29    doub Y N 114 
RKL N9    C30    sing Y N 115 
RKL N10   C31    sing Y N 116 
RKL N10   C32    doub Y N 117 
RKL C11   C12    doub Y N 118 
RKL C11   H11    sing N N 119 
RKL N11   C35    doub Y N 120 
RKL N11   C37    sing Y N 121 
RKL C12   H12    sing N N 122 
RKL N12   C36    doub Y N 123 
RKL N12   C38    sing Y N 124 
RKL C13   C14    sing Y N 125 
RKL C13   C15    doub Y N 126 
RKL C14   C18    doub Y N 127 
RKL C14   H14    sing N N 128 
RKL C15   C16    sing Y N 129 
RKL C16   C17    doub Y N 130 
RKL C16   H16    sing N N 131 
RKL C17   C18    sing Y N 132 
RKL C17   H17    sing N N 133 
RKL C18   H18    sing N N 134 
RKL C19   C22    sing Y N 135 
RKL C19   C26    sing Y N 136 
RKL C20   C21    doub Y N 137 
RKL C20   H20    sing N N 138 
RKL C21   H21    sing N N 139 
RKL C22   C23    sing Y N 140 
RKL C23   C24    doub Y N 141 
RKL C23   H23    sing N N 142 
RKL C24   C25    sing Y N 143 
RKL C24   H24    sing N N 144 
RKL C25   C26    sing Y N 145 
RKL C27   C28    doub Y N 146 
RKL C27   H27    sing N N 147 
RKL C28   H28    sing N N 148 
RKL C29   C32    sing Y N 149 
RKL C29   C36    sing Y N 150 
RKL C30   C31    doub Y N 151 
RKL C30   H30    sing N N 152 
RKL C31   H31    sing N N 153 
RKL C32   C33    sing Y N 154 
RKL C33   C34    doub Y N 155 
RKL C33   H33    sing N N 156 
RKL C34   C35    sing Y N 157 
RKL C34   H34    sing N N 158 
RKL C35   C36    sing Y N 159 
RKL C37   C38    doub Y N 160 
RKL C37   H37    sing N N 161 
RKL C38   H38    sing N N 162 
# 
loop_
_ndb_struct_conf_na.entry_id 
_ndb_struct_conf_na.feature 
5IWJ 'double helix'        
5IWJ 'b-form double helix' 
# 
loop_
_ndb_struct_na_base_pair.model_number 
_ndb_struct_na_base_pair.i_label_asym_id 
_ndb_struct_na_base_pair.i_label_comp_id 
_ndb_struct_na_base_pair.i_label_seq_id 
_ndb_struct_na_base_pair.i_symmetry 
_ndb_struct_na_base_pair.j_label_asym_id 
_ndb_struct_na_base_pair.j_label_comp_id 
_ndb_struct_na_base_pair.j_label_seq_id 
_ndb_struct_na_base_pair.j_symmetry 
_ndb_struct_na_base_pair.shear 
_ndb_struct_na_base_pair.stretch 
_ndb_struct_na_base_pair.stagger 
_ndb_struct_na_base_pair.buckle 
_ndb_struct_na_base_pair.propeller 
_ndb_struct_na_base_pair.opening 
_ndb_struct_na_base_pair.pair_number 
_ndb_struct_na_base_pair.pair_name 
_ndb_struct_na_base_pair.i_auth_asym_id 
_ndb_struct_na_base_pair.i_auth_seq_id 
_ndb_struct_na_base_pair.i_PDB_ins_code 
_ndb_struct_na_base_pair.j_auth_asym_id 
_ndb_struct_na_base_pair.j_auth_seq_id 
_ndb_struct_na_base_pair.j_PDB_ins_code 
_ndb_struct_na_base_pair.hbond_type_28 
_ndb_struct_na_base_pair.hbond_type_12 
1 A DC 1  1_555 A DG 10 8_774 -2.491 4.830  0.827  -5.755  18.902  -107.766 1  C_DC1:DG10_C C 1  ? C 10 ? ?  3 
1 A DC 2  1_555 A DG 9  8_774 0.224  -0.113 0.131  -7.806  1.305   0.507    2  C_DC2:DG9_C  C 2  ? C 9  ? 19 1 
1 A DG 3  1_555 A DC 8  8_774 -0.310 -0.073 0.104  24.037  -8.188  2.551    3  C_DG3:DC8_C  C 3  ? C 8  ? 19 1 
1 A DG 4  1_555 A DC 7  8_774 -0.281 -0.200 -0.320 -12.243 3.827   -1.956   4  C_DG4:DC7_C  C 4  ? C 7  ? 19 1 
1 A DG 5  1_555 A DC 6  8_774 -0.238 -0.190 0.285  0.690   -4.697  -1.575   5  C_DG5:DC6_C  C 5  ? C 6  ? 19 1 
1 A DC 6  1_555 A DG 5  8_774 0.238  -0.190 0.285  -0.690  -4.697  -1.575   6  C_DC6:DG5_C  C 6  ? C 5  ? 19 1 
1 A DC 7  1_555 A DG 4  8_774 0.281  -0.200 -0.320 12.243  3.827   -1.956   7  C_DC7:DG4_C  C 7  ? C 4  ? 19 1 
1 A DC 8  1_555 A DG 3  8_774 0.310  -0.073 0.104  -24.037 -8.188  2.551    8  C_DC8:DG3_C  C 8  ? C 3  ? 19 1 
1 A DG 9  1_555 A DC 2  8_774 -0.224 -0.113 0.131  7.806   1.305   0.507    9  C_DG9:DC2_C  C 9  ? C 2  ? 19 1 
1 A DG 10 1_555 A DC 1  8_774 2.491  -4.830 -0.827 5.755   -18.902 107.766  10 C_DG10:DC1_C C 10 ? C 1  ? ?  3 
# 
loop_
_ndb_struct_na_base_pair_step.model_number 
_ndb_struct_na_base_pair_step.i_label_asym_id_1 
_ndb_struct_na_base_pair_step.i_label_comp_id_1 
_ndb_struct_na_base_pair_step.i_label_seq_id_1 
_ndb_struct_na_base_pair_step.i_symmetry_1 
_ndb_struct_na_base_pair_step.j_label_asym_id_1 
_ndb_struct_na_base_pair_step.j_label_comp_id_1 
_ndb_struct_na_base_pair_step.j_label_seq_id_1 
_ndb_struct_na_base_pair_step.j_symmetry_1 
_ndb_struct_na_base_pair_step.i_label_asym_id_2 
_ndb_struct_na_base_pair_step.i_label_comp_id_2 
_ndb_struct_na_base_pair_step.i_label_seq_id_2 
_ndb_struct_na_base_pair_step.i_symmetry_2 
_ndb_struct_na_base_pair_step.j_label_asym_id_2 
_ndb_struct_na_base_pair_step.j_label_comp_id_2 
_ndb_struct_na_base_pair_step.j_label_seq_id_2 
_ndb_struct_na_base_pair_step.j_symmetry_2 
_ndb_struct_na_base_pair_step.shift 
_ndb_struct_na_base_pair_step.slide 
_ndb_struct_na_base_pair_step.rise 
_ndb_struct_na_base_pair_step.tilt 
_ndb_struct_na_base_pair_step.roll 
_ndb_struct_na_base_pair_step.twist 
_ndb_struct_na_base_pair_step.x_displacement 
_ndb_struct_na_base_pair_step.y_displacement 
_ndb_struct_na_base_pair_step.helical_rise 
_ndb_struct_na_base_pair_step.inclination 
_ndb_struct_na_base_pair_step.tip 
_ndb_struct_na_base_pair_step.helical_twist 
_ndb_struct_na_base_pair_step.step_number 
_ndb_struct_na_base_pair_step.step_name 
_ndb_struct_na_base_pair_step.i_auth_asym_id_1 
_ndb_struct_na_base_pair_step.i_auth_seq_id_1 
_ndb_struct_na_base_pair_step.i_PDB_ins_code_1 
_ndb_struct_na_base_pair_step.j_auth_asym_id_1 
_ndb_struct_na_base_pair_step.j_auth_seq_id_1 
_ndb_struct_na_base_pair_step.j_PDB_ins_code_1 
_ndb_struct_na_base_pair_step.i_auth_asym_id_2 
_ndb_struct_na_base_pair_step.i_auth_seq_id_2 
_ndb_struct_na_base_pair_step.i_PDB_ins_code_2 
_ndb_struct_na_base_pair_step.j_auth_asym_id_2 
_ndb_struct_na_base_pair_step.j_auth_seq_id_2 
_ndb_struct_na_base_pair_step.j_PDB_ins_code_2 
1 A DC 1 1_555 A DG 10 8_774 A DC 2  1_555 A DG 9 8_774 -0.757 1.415  6.446 3.112   -12.073 -16.798 7.106  0.750  6.116 35.625  
9.184   -20.892 1 CC_DC1DC2:DG9DG10_CC C 1 ? C 10 ? C 2  ? C 9 ? 
1 A DC 2 1_555 A DG 9  8_774 A DG 3  1_555 A DC 8 8_774 -0.085 1.568  2.699 1.335   5.326   20.295  2.308  0.732  2.995 14.770  
-3.703  21.017  2 CC_DC2DG3:DC8DG9_CC  C 2 ? C 9  ? C 3  ? C 8 ? 
1 A DG 3 1_555 A DC 8  8_774 A DG 4  1_555 A DC 7 8_774 -0.217 1.099  5.259 -0.522  52.433  12.536  -5.348 0.174  2.337 77.495  
0.772   53.810  3 CC_DG3DG4:DC7DC8_CC  C 3 ? C 8  ? C 4  ? C 7 ? 
1 A DG 4 1_555 A DC 7  8_774 A DG 5  1_555 A DC 6 8_774 -1.122 0.606  3.106 -10.141 8.958   32.566  -0.368 0.304  3.345 15.182  
17.188  35.194  4 CC_DG4DG5:DC6DC7_CC  C 4 ? C 7  ? C 5  ? C 6 ? 
1 A DG 5 1_555 A DC 6  8_774 A DC 6  1_555 A DG 5 8_774 0.000  -0.543 3.340 0.000   8.734   30.864  -2.556 0.000  3.075 16.013  
0.000   32.047  5 CC_DG5DC6:DG5DC6_CC  C 5 ? C 6  ? C 6  ? C 5 ? 
1 A DC 6 1_555 A DG 5  8_774 A DC 7  1_555 A DG 4 8_774 1.122  0.606  3.106 10.141  8.958   32.566  -0.368 -0.304 3.345 15.182  
-17.188 35.194  6 CC_DC6DC7:DG4DG5_CC  C 6 ? C 5  ? C 7  ? C 4 ? 
1 A DC 7 1_555 A DG 4  8_774 A DC 8  1_555 A DG 3 8_774 0.217  1.099  5.259 0.522   52.433  12.536  -5.348 -0.174 2.337 77.495  
-0.772  53.810  7 CC_DC7DC8:DG3DG4_CC  C 7 ? C 4  ? C 8  ? C 3 ? 
1 A DC 8 1_555 A DG 3  8_774 A DG 9  1_555 A DC 2 8_774 0.085  1.568  2.699 -1.335  5.326   20.295  2.308  -0.732 2.995 14.770  
3.703   21.017  8 CC_DC8DG9:DC2DG3_CC  C 8 ? C 3  ? C 9  ? C 2 ? 
1 A DG 9 1_555 A DC 2  8_774 A DG 10 1_555 A DC 1 8_774 2.484  6.149  0.380 165.736 -24.471 151.088 3.086  -1.171 0.755 -12.264 
-83.062 176.893 9 CC_DG9DG10:DC1DC2_CC C 9 ? C 2  ? C 10 ? C 1 ? 
# 
loop_
_pdbx_audit_support.funding_organization 
_pdbx_audit_support.country 
_pdbx_audit_support.grant_number 
_pdbx_audit_support.ordinal 
'Biotechnology and Biological Sciences Research Council' 'United Kingdom' BB/K019279/1 1 
'Biotechnology and Biological Sciences Research Council' 'United Kingdom' BB/M004635/1 2 
# 
_atom_sites.entry_id                    5IWJ 
_atom_sites.fract_transf_matrix[1][1]   -0.02088536 
_atom_sites.fract_transf_matrix[1][2]   0.00172040 
_atom_sites.fract_transf_matrix[1][3]   -0.00421101 
_atom_sites.fract_transf_matrix[2][1]   -0.00454889 
_atom_sites.fract_transf_matrix[2][2]   -0.00790115 
_atom_sites.fract_transf_matrix[2][3]   0.01933313 
_atom_sites.fract_transf_matrix[3][1]   -0.00000069 
_atom_sites.fract_transf_matrix[3][2]   0.02648743 
_atom_sites.fract_transf_matrix[3][3]   0.01082484 
_atom_sites.fract_transf_vector[1]      0.802829 
_atom_sites.fract_transf_vector[2]      1.281730 
_atom_sites.fract_transf_vector[3]      -0.385908 
# 
loop_
_atom_type.symbol 
BA 
C  
N  
O  
P  
RU 
# 
loop_
_atom_site.group_PDB 
_atom_site.id 
_atom_site.type_symbol 
_atom_site.label_atom_id 
_atom_site.label_alt_id 
_atom_site.label_comp_id 
_atom_site.label_asym_id 
_atom_site.label_entity_id 
_atom_site.label_seq_id 
_atom_site.pdbx_PDB_ins_code 
_atom_site.Cartn_x 
_atom_site.Cartn_y 
_atom_site.Cartn_z 
_atom_site.occupancy 
_atom_site.B_iso_or_equiv 
_atom_site.pdbx_formal_charge 
_atom_site.auth_seq_id 
_atom_site.auth_comp_id 
_atom_site.auth_asym_id 
_atom_site.auth_atom_id 
_atom_site.pdbx_PDB_model_num 
ATOM   1   O  "O5'" . DC  A 1 1  ? -0.597  19.532  -3.087 1.00 92.98 ? 1   DC  C "O5'" 1 
ATOM   2   C  "C5'" . DC  A 1 1  ? -0.815  19.800  -4.486 1.00 91.74 ? 1   DC  C "C5'" 1 
ATOM   3   C  "C4'" . DC  A 1 1  ? 0.456   19.605  -5.282 1.00 88.68 ? 1   DC  C "C4'" 1 
ATOM   4   O  "O4'" . DC  A 1 1  ? 1.367   20.698  -5.049 1.00 86.80 ? 1   DC  C "O4'" 1 
ATOM   5   C  "C3'" . DC  A 1 1  ? 1.281   18.369  -4.946 1.00 87.13 ? 1   DC  C "C3'" 1 
ATOM   6   O  "O3'" . DC  A 1 1  ? 0.769   17.163  -5.519 1.00 83.82 ? 1   DC  C "O3'" 1 
ATOM   7   C  "C2'" . DC  A 1 1  ? 2.632   18.731  -5.526 1.00 84.98 ? 1   DC  C "C2'" 1 
ATOM   8   C  "C1'" . DC  A 1 1  ? 2.701   20.242  -5.283 1.00 85.49 ? 1   DC  C "C1'" 1 
ATOM   9   N  N1    . DC  A 1 1  ? 3.544   20.634  -4.136 1.00 82.99 ? 1   DC  C N1    1 
ATOM   10  C  C2    . DC  A 1 1  ? 4.918   20.411  -4.242 1.00 82.89 ? 1   DC  C C2    1 
ATOM   11  O  O2    . DC  A 1 1  ? 5.361   19.900  -5.282 1.00 81.33 ? 1   DC  C O2    1 
ATOM   12  N  N3    . DC  A 1 1  ? 5.728   20.755  -3.212 1.00 78.92 ? 1   DC  C N3    1 
ATOM   13  C  C4    . DC  A 1 1  ? 5.209   21.296  -2.107 1.00 80.73 ? 1   DC  C C4    1 
ATOM   14  N  N4    . DC  A 1 1  ? 6.044   21.623  -1.118 1.00 80.65 ? 1   DC  C N4    1 
ATOM   15  C  C5    . DC  A 1 1  ? 3.810   21.539  -1.973 1.00 81.74 ? 1   DC  C C5    1 
ATOM   16  C  C6    . DC  A 1 1  ? 3.021   21.195  -3.001 1.00 83.14 ? 1   DC  C C6    1 
ATOM   17  P  P     . DC  A 1 2  ? 1.053   15.764  -4.797 1.00 85.03 ? 2   DC  C P     1 
ATOM   18  O  OP1   . DC  A 1 2  ? 0.294   14.710  -5.523 1.00 79.52 ? 2   DC  C OP1   1 
ATOM   19  O  OP2   . DC  A 1 2  ? 0.835   15.948  -3.337 1.00 79.27 ? 2   DC  C OP2   1 
ATOM   20  O  "O5'" . DC  A 1 2  ? 2.620   15.571  -5.014 1.00 69.93 ? 2   DC  C "O5'" 1 
ATOM   21  C  "C5'" . DC  A 1 2  ? 3.164   15.420  -6.331 1.00 58.43 ? 2   DC  C "C5'" 1 
ATOM   22  C  "C4'" . DC  A 1 2  ? 4.311   14.439  -6.301 1.00 51.99 ? 2   DC  C "C4'" 1 
ATOM   23  O  "O4'" . DC  A 1 2  ? 5.327   14.910  -5.403 1.00 48.01 ? 2   DC  C "O4'" 1 
ATOM   24  C  "C3'" . DC  A 1 2  ? 3.967   13.034  -5.823 1.00 48.54 ? 2   DC  C "C3'" 1 
ATOM   25  O  "O3'" . DC  A 1 2  ? 3.696   12.260  -6.987 1.00 46.55 ? 2   DC  C "O3'" 1 
ATOM   26  C  "C2'" . DC  A 1 2  ? 5.258   12.549  -5.189 1.00 47.18 ? 2   DC  C "C2'" 1 
ATOM   27  C  "C1'" . DC  A 1 2  ? 5.995   13.814  -4.791 1.00 46.87 ? 2   DC  C "C1'" 1 
ATOM   28  N  N1    . DC  A 1 2  ? 6.020   14.068  -3.348 1.00 43.15 ? 2   DC  C N1    1 
ATOM   29  C  C2    . DC  A 1 2  ? 7.229   14.427  -2.744 1.00 42.54 ? 2   DC  C C2    1 
ATOM   30  O  O2    . DC  A 1 2  ? 8.259   14.456  -3.433 1.00 38.73 ? 2   DC  C O2    1 
ATOM   31  N  N3    . DC  A 1 2  ? 7.247   14.704  -1.419 1.00 41.98 ? 2   DC  C N3    1 
ATOM   32  C  C4    . DC  A 1 2  ? 6.116   14.654  -0.711 1.00 43.63 ? 2   DC  C C4    1 
ATOM   33  N  N4    . DC  A 1 2  ? 6.179   14.929  0.594  1.00 43.20 ? 2   DC  C N4    1 
ATOM   34  C  C5    . DC  A 1 2  ? 4.869   14.309  -1.307 1.00 43.39 ? 2   DC  C C5    1 
ATOM   35  C  C6    . DC  A 1 2  ? 4.865   14.036  -2.618 1.00 43.96 ? 2   DC  C C6    1 
ATOM   36  P  P     . DG  A 1 3  ? 3.261   10.731  -6.880 1.00 49.42 ? 3   DG  C P     1 
ATOM   37  O  OP1   . DG  A 1 3  ? 2.672   10.339  -8.183 1.00 49.76 ? 3   DG  C OP1   1 
ATOM   38  O  OP2   . DG  A 1 3  ? 2.481   10.543  -5.637 1.00 47.40 ? 3   DG  C OP2   1 
ATOM   39  O  "O5'" . DG  A 1 3  ? 4.642   9.951   -6.756 1.00 45.94 ? 3   DG  C "O5'" 1 
ATOM   40  C  "C5'" . DG  A 1 3  ? 5.497   9.812   -7.901 1.00 45.81 ? 3   DG  C "C5'" 1 
ATOM   41  C  "C4'" . DG  A 1 3  ? 6.853   9.275   -7.505 1.00 46.89 ? 3   DG  C "C4'" 1 
ATOM   42  O  "O4'" . DG  A 1 3  ? 7.514   10.172  -6.584 1.00 47.78 ? 3   DG  C "O4'" 1 
ATOM   43  C  "C3'" . DG  A 1 3  ? 6.840   7.911   -6.824 1.00 49.09 ? 3   DG  C "C3'" 1 
ATOM   44  O  "O3'" . DG  A 1 3  ? 7.051   6.909   -7.819 1.00 49.45 ? 3   DG  C "O3'" 1 
ATOM   45  C  "C2'" . DG  A 1 3  ? 8.035   7.966   -5.889 1.00 48.23 ? 3   DG  C "C2'" 1 
ATOM   46  C  "C1'" . DG  A 1 3  ? 8.189   9.447   -5.566 1.00 47.12 ? 3   DG  C "C1'" 1 
ATOM   47  N  N9    . DG  A 1 3  ? 7.608   9.839   -4.291 1.00 46.45 ? 3   DG  C N9    1 
ATOM   48  C  C8    . DG  A 1 3  ? 6.342   9.557   -3.840 1.00 45.92 ? 3   DG  C C8    1 
ATOM   49  N  N7    . DG  A 1 3  ? 6.095   10.056  -2.659 1.00 46.48 ? 3   DG  C N7    1 
ATOM   50  C  C5    . DG  A 1 3  ? 7.264   10.721  -2.316 1.00 45.36 ? 3   DG  C C5    1 
ATOM   51  C  C6    . DG  A 1 3  ? 7.601   11.441  -1.141 1.00 44.19 ? 3   DG  C C6    1 
ATOM   52  O  O6    . DG  A 1 3  ? 6.903   11.657  -0.143 1.00 43.44 ? 3   DG  C O6    1 
ATOM   53  N  N1    . DG  A 1 3  ? 8.898   11.942  -1.203 1.00 45.38 ? 3   DG  C N1    1 
ATOM   54  C  C2    . DG  A 1 3  ? 9.763   11.768  -2.258 1.00 46.04 ? 3   DG  C C2    1 
ATOM   55  N  N2    . DG  A 1 3  ? 10.978  12.323  -2.131 1.00 43.90 ? 3   DG  C N2    1 
ATOM   56  N  N3    . DG  A 1 3  ? 9.462   11.090  -3.354 1.00 44.68 ? 3   DG  C N3    1 
ATOM   57  C  C4    . DG  A 1 3  ? 8.211   10.587  -3.309 1.00 45.81 ? 3   DG  C C4    1 
ATOM   58  P  P     . DG  A 1 4  ? 6.176   5.589   -7.824 1.00 49.71 ? 4   DG  C P     1 
ATOM   59  O  OP1   . DG  A 1 4  ? 6.510   4.841   -9.059 1.00 49.52 ? 4   DG  C OP1   1 
ATOM   60  O  OP2   . DG  A 1 4  ? 4.777   5.956   -7.538 1.00 46.87 ? 4   DG  C OP2   1 
ATOM   61  O  "O5'" . DG  A 1 4  ? 6.750   4.789   -6.582 1.00 49.90 ? 4   DG  C "O5'" 1 
ATOM   62  C  "C5'" . DG  A 1 4  ? 8.062   4.236   -6.682 1.00 49.41 ? 4   DG  C "C5'" 1 
ATOM   63  C  "C4'" . DG  A 1 4  ? 8.354   3.409   -5.457 1.00 51.38 ? 4   DG  C "C4'" 1 
ATOM   64  O  "O4'" . DG  A 1 4  ? 8.278   4.255   -4.290 1.00 50.16 ? 4   DG  C "O4'" 1 
ATOM   65  C  "C3'" . DG  A 1 4  ? 7.366   2.277   -5.200 1.00 51.51 ? 4   DG  C "C3'" 1 
ATOM   66  O  "O3'" . DG  A 1 4  ? 8.089   1.295   -4.477 1.00 56.40 ? 4   DG  C "O3'" 1 
ATOM   67  C  "C2'" . DG  A 1 4  ? 6.370   2.905   -4.245 1.00 51.68 ? 4   DG  C "C2'" 1 
ATOM   68  C  "C1'" . DG  A 1 4  ? 7.305   3.745   -3.393 1.00 50.17 ? 4   DG  C "C1'" 1 
ATOM   69  N  N9    . DG  A 1 4  ? 6.711   4.878   -2.695 1.00 48.92 ? 4   DG  C N9    1 
ATOM   70  C  C8    . DG  A 1 4  ? 5.685   5.679   -3.132 1.00 47.54 ? 4   DG  C C8    1 
ATOM   71  N  N7    . DG  A 1 4  ? 5.391   6.635   -2.294 1.00 49.53 ? 4   DG  C N7    1 
ATOM   72  C  C5    . DG  A 1 4  ? 6.288   6.466   -1.250 1.00 44.61 ? 4   DG  C C5    1 
ATOM   73  C  C6    . DG  A 1 4  ? 6.454   7.210   -0.053 1.00 45.02 ? 4   DG  C C6    1 
ATOM   74  O  O6    . DG  A 1 4  ? 5.820   8.201   0.333  1.00 42.10 ? 4   DG  C O6    1 
ATOM   75  N  N1    . DG  A 1 4  ? 7.477   6.691   0.733  1.00 44.47 ? 4   DG  C N1    1 
ATOM   76  C  C2    . DG  A 1 4  ? 8.254   5.606   0.403  1.00 43.62 ? 4   DG  C C2    1 
ATOM   77  N  N2    . DG  A 1 4  ? 9.201   5.263   1.287  1.00 42.80 ? 4   DG  C N2    1 
ATOM   78  N  N3    . DG  A 1 4  ? 8.113   4.909   -0.713 1.00 45.14 ? 4   DG  C N3    1 
ATOM   79  C  C4    . DG  A 1 4  ? 7.112   5.386   -1.483 1.00 46.87 ? 4   DG  C C4    1 
ATOM   80  P  P     . DG  A 1 5  ? 7.730   -0.234  -4.617 1.00 56.75 ? 5   DG  C P     1 
ATOM   81  O  OP1   . DG  A 1 5  ? 8.534   -0.767  -5.739 1.00 60.85 ? 5   DG  C OP1   1 
ATOM   82  O  OP2   . DG  A 1 5  ? 6.253   -0.373  -4.634 1.00 56.96 ? 5   DG  C OP2   1 
ATOM   83  O  "O5'" . DG  A 1 5  ? 8.268   -0.816  -3.244 1.00 57.80 ? 5   DG  C "O5'" 1 
ATOM   84  C  "C5'" . DG  A 1 5  ? 9.652   -0.677  -2.900 1.00 59.58 ? 5   DG  C "C5'" 1 
ATOM   85  C  "C4'" . DG  A 1 5  ? 9.813   -0.919  -1.421 1.00 59.22 ? 5   DG  C "C4'" 1 
ATOM   86  O  "O4'" . DG  A 1 5  ? 9.302   0.226   -0.707 1.00 56.88 ? 5   DG  C "O4'" 1 
ATOM   87  C  "C3'" . DG  A 1 5  ? 9.020   -2.119  -0.908 1.00 62.15 ? 5   DG  C "C3'" 1 
ATOM   88  O  "O3'" . DG  A 1 5  ? 9.709   -2.768  0.155  1.00 65.92 ? 5   DG  C "O3'" 1 
ATOM   89  C  "C2'" . DG  A 1 5  ? 7.746   -1.500  -0.371 1.00 59.66 ? 5   DG  C "C2'" 1 
ATOM   90  C  "C1'" . DG  A 1 5  ? 8.241   -0.163  0.145  1.00 57.68 ? 5   DG  C "C1'" 1 
ATOM   91  N  N9    . DG  A 1 5  ? 7.251   0.902   0.114  1.00 53.07 ? 5   DG  C N9    1 
ATOM   92  C  C8    . DG  A 1 5  ? 6.417   1.234   -0.924 1.00 52.17 ? 5   DG  C C8    1 
ATOM   93  N  N7    . DG  A 1 5  ? 5.661   2.265   -0.662 1.00 50.43 ? 5   DG  C N7    1 
ATOM   94  C  C5    . DG  A 1 5  ? 6.041   2.652   0.615  1.00 50.78 ? 5   DG  C C5    1 
ATOM   95  C  C6    . DG  A 1 5  ? 5.576   3.715   1.428  1.00 49.65 ? 5   DG  C C6    1 
ATOM   96  O  O6    . DG  A 1 5  ? 4.700   4.550   1.179  1.00 48.78 ? 5   DG  C O6    1 
ATOM   97  N  N1    . DG  A 1 5  ? 6.220   3.735   2.660  1.00 49.68 ? 5   DG  C N1    1 
ATOM   98  C  C2    . DG  A 1 5  ? 7.212   2.867   3.048  1.00 49.81 ? 5   DG  C C2    1 
ATOM   99  N  N2    . DG  A 1 5  ? 7.726   3.062   4.270  1.00 48.96 ? 5   DG  C N2    1 
ATOM   100 N  N3    . DG  A 1 5  ? 7.656   1.874   2.297  1.00 50.20 ? 5   DG  C N3    1 
ATOM   101 C  C4    . DG  A 1 5  ? 7.023   1.820   1.106  1.00 50.97 ? 5   DG  C C4    1 
ATOM   102 P  P     . DC  A 1 6  ? 9.275   -4.235  0.590  1.00 67.34 ? 6   DC  C P     1 
ATOM   103 O  OP1   . DC  A 1 6  ? 10.507  -4.967  0.977  1.00 72.20 ? 6   DC  C OP1   1 
ATOM   104 O  OP2   . DC  A 1 6  ? 8.370   -4.787  -0.456 1.00 65.39 ? 6   DC  C OP2   1 
ATOM   105 O  "O5'" . DC  A 1 6  ? 8.440   -3.981  1.917  1.00 61.93 ? 6   DC  C "O5'" 1 
ATOM   106 C  "C5'" . DC  A 1 6  ? 9.106   -3.539  3.098  1.00 62.26 ? 6   DC  C "C5'" 1 
ATOM   107 C  "C4'" . DC  A 1 6  ? 8.094   -2.960  4.056  1.00 61.86 ? 6   DC  C "C4'" 1 
ATOM   108 O  "O4'" . DC  A 1 6  ? 7.403   -1.865  3.439  1.00 59.72 ? 6   DC  C "O4'" 1 
ATOM   109 C  "C3'" . DC  A 1 6  ? 6.989   -3.922  4.485  1.00 61.22 ? 6   DC  C "C3'" 1 
ATOM   110 O  "O3'" . DC  A 1 6  ? 7.338   -4.463  5.755  1.00 61.28 ? 6   DC  C "O3'" 1 
ATOM   111 C  "C2'" . DC  A 1 6  ? 5.742   -3.052  4.574  1.00 60.05 ? 6   DC  C "C2'" 1 
ATOM   112 C  "C1'" . DC  A 1 6  ? 6.253   -1.663  4.230  1.00 59.64 ? 6   DC  C "C1'" 1 
ATOM   113 N  N1    . DC  A 1 6  ? 5.331   -0.816  3.468  1.00 55.61 ? 6   DC  C N1    1 
ATOM   114 C  C2    . DC  A 1 6  ? 4.780   0.304   4.093  1.00 54.63 ? 6   DC  C C2    1 
ATOM   115 O  O2    . DC  A 1 6  ? 5.052   0.520   5.283  1.00 54.38 ? 6   DC  C O2    1 
ATOM   116 N  N3    . DC  A 1 6  ? 3.960   1.119   3.389  1.00 53.34 ? 6   DC  C N3    1 
ATOM   117 C  C4    . DC  A 1 6  ? 3.694   0.851   2.108  1.00 52.87 ? 6   DC  C C4    1 
ATOM   118 N  N4    . DC  A 1 6  ? 2.871   1.673   1.454  1.00 52.10 ? 6   DC  C N4    1 
ATOM   119 C  C5    . DC  A 1 6  ? 4.253   -0.280  1.443  1.00 54.88 ? 6   DC  C C5    1 
ATOM   120 C  C6    . DC  A 1 6  ? 5.062   -1.077  2.153  1.00 55.02 ? 6   DC  C C6    1 
ATOM   121 P  P     . DC  A 1 7  ? 6.748   -5.862  6.187  1.00 61.01 ? 7   DC  C P     1 
ATOM   122 O  OP1   . DC  A 1 7  ? 7.459   -6.295  7.418  1.00 60.42 ? 7   DC  C OP1   1 
ATOM   123 O  OP2   . DC  A 1 7  ? 6.715   -6.736  4.983  1.00 58.93 ? 7   DC  C OP2   1 
ATOM   124 O  "O5'" . DC  A 1 7  ? 5.272   -5.475  6.627  1.00 57.29 ? 7   DC  C "O5'" 1 
ATOM   125 C  "C5'" . DC  A 1 7  ? 5.061   -4.770  7.851  1.00 55.22 ? 7   DC  C "C5'" 1 
ATOM   126 C  "C4'" . DC  A 1 7  ? 3.602   -4.403  7.956  1.00 55.48 ? 7   DC  C "C4'" 1 
ATOM   127 O  "O4'" . DC  A 1 7  ? 3.335   -3.254  7.129  1.00 55.55 ? 7   DC  C "O4'" 1 
ATOM   128 C  "C3'" . DC  A 1 7  ? 2.634   -5.466  7.451  1.00 53.04 ? 7   DC  C "C3'" 1 
ATOM   129 O  "O3'" . DC  A 1 7  ? 2.430   -6.486  8.442  1.00 52.74 ? 7   DC  C "O3'" 1 
ATOM   130 C  "C2'" . DC  A 1 7  ? 1.400   -4.645  7.120  1.00 53.26 ? 7   DC  C "C2'" 1 
ATOM   131 C  "C1'" . DC  A 1 7  ? 1.944   -3.230  6.846  1.00 53.46 ? 7   DC  C "C1'" 1 
ATOM   132 N  N1    . DC  A 1 7  ? 1.760   -2.713  5.472  1.00 51.62 ? 7   DC  C N1    1 
ATOM   133 C  C2    . DC  A 1 7  ? 1.338   -1.388  5.301  1.00 47.52 ? 7   DC  C C2    1 
ATOM   134 O  O2    . DC  A 1 7  ? 1.139   -0.687  6.305  1.00 45.27 ? 7   DC  C O2    1 
ATOM   135 N  N3    . DC  A 1 7  ? 1.145   -0.910  4.049  1.00 44.69 ? 7   DC  C N3    1 
ATOM   136 C  C4    . DC  A 1 7  ? 1.350   -1.702  2.994  1.00 46.97 ? 7   DC  C C4    1 
ATOM   137 N  N4    . DC  A 1 7  ? 1.143   -1.190  1.778  1.00 44.18 ? 7   DC  C N4    1 
ATOM   138 C  C5    . DC  A 1 7  ? 1.798   -3.048  3.138  1.00 47.67 ? 7   DC  C C5    1 
ATOM   139 C  C6    . DC  A 1 7  ? 1.989   -3.508  4.382  1.00 50.15 ? 7   DC  C C6    1 
ATOM   140 P  P     . DC  A 1 8  ? 1.996   -7.967  8.005  1.00 55.60 ? 8   DC  C P     1 
ATOM   141 O  OP1   . DC  A 1 8  ? 2.088   -8.849  9.199  1.00 53.58 ? 8   DC  C OP1   1 
ATOM   142 O  OP2   . DC  A 1 8  ? 2.715   -8.327  6.759  1.00 51.54 ? 8   DC  C OP2   1 
ATOM   143 O  "O5'" . DC  A 1 8  ? 0.458   -7.802  7.642  1.00 48.76 ? 8   DC  C "O5'" 1 
ATOM   144 C  "C5'" . DC  A 1 8  ? -0.492  -7.497  8.666  1.00 47.54 ? 8   DC  C "C5'" 1 
ATOM   145 C  "C4'" . DC  A 1 8  ? -1.871  -7.359  8.068  1.00 47.91 ? 8   DC  C "C4'" 1 
ATOM   146 O  "O4'" . DC  A 1 8  ? -1.959  -6.168  7.266  1.00 46.11 ? 8   DC  C "O4'" 1 
ATOM   147 C  "C3'" . DC  A 1 8  ? -2.287  -8.479  7.127  1.00 46.83 ? 8   DC  C "C3'" 1 
ATOM   148 O  "O3'" . DC  A 1 8  ? -2.734  -9.564  7.939  1.00 48.35 ? 8   DC  C "O3'" 1 
ATOM   149 C  "C2'" . DC  A 1 8  ? -3.357  -7.814  6.278  1.00 45.23 ? 8   DC  C "C2'" 1 
ATOM   150 C  "C1'" . DC  A 1 8  ? -2.970  -6.333  6.273  1.00 44.38 ? 8   DC  C "C1'" 1 
ATOM   151 N  N1    . DC  A 1 8  ? -2.434  -5.808  5.001  1.00 42.57 ? 8   DC  C N1    1 
ATOM   152 C  C2    . DC  A 1 8  ? -3.121  -4.786  4.330  1.00 43.12 ? 8   DC  C C2    1 
ATOM   153 O  O2    . DC  A 1 8  ? -4.195  -4.376  4.796  1.00 48.04 ? 8   DC  C O2    1 
ATOM   154 N  N3    . DC  A 1 8  ? -2.600  -4.281  3.188  1.00 41.81 ? 8   DC  C N3    1 
ATOM   155 C  C4    . DC  A 1 8  ? -1.443  -4.750  2.718  1.00 40.58 ? 8   DC  C C4    1 
ATOM   156 N  N4    . DC  A 1 8  ? -0.967  -4.223  1.588  1.00 41.34 ? 8   DC  C N4    1 
ATOM   157 C  C5    . DC  A 1 8  ? -0.714  -5.774  3.391  1.00 41.33 ? 8   DC  C C5    1 
ATOM   158 C  C6    . DC  A 1 8  ? -1.242  -6.271  4.517  1.00 42.60 ? 8   DC  C C6    1 
ATOM   159 P  P     . DG  A 1 9  ? -2.919  -11.011 7.319  1.00 45.64 ? 9   DG  C P     1 
ATOM   160 O  OP1   . DG  A 1 9  ? -3.147  -11.958 8.435  1.00 47.13 ? 9   DG  C OP1   1 
ATOM   161 O  OP2   . DG  A 1 9  ? -1.844  -11.249 6.316  1.00 45.10 ? 9   DG  C OP2   1 
ATOM   162 O  "O5'" . DG  A 1 9  ? -4.315  -10.904 6.582  1.00 46.81 ? 9   DG  C "O5'" 1 
ATOM   163 C  "C5'" . DG  A 1 9  ? -5.506  -10.824 7.358  1.00 46.26 ? 9   DG  C "C5'" 1 
ATOM   164 C  "C4'" . DG  A 1 9  ? -6.637  -10.437 6.443  1.00 48.49 ? 9   DG  C "C4'" 1 
ATOM   165 O  "O4'" . DG  A 1 9  ? -6.301  -9.178  5.827  1.00 48.87 ? 9   DG  C "O4'" 1 
ATOM   166 C  "C3'" . DG  A 1 9  ? -6.852  -11.399 5.281  1.00 49.84 ? 9   DG  C "C3'" 1 
ATOM   167 O  "O3'" . DG  A 1 9  ? -7.746  -12.445 5.674  1.00 54.67 ? 9   DG  C "O3'" 1 
ATOM   168 C  "C2'" . DG  A 1 9  ? -7.421  -10.499 4.202  1.00 49.77 ? 9   DG  C "C2'" 1 
ATOM   169 C  "C1'" . DG  A 1 9  ? -6.764  -9.155  4.485  1.00 47.99 ? 9   DG  C "C1'" 1 
ATOM   170 N  N9    . DG  A 1 9  ? -5.644  -8.794  3.618  1.00 47.19 ? 9   DG  C N9    1 
ATOM   171 C  C8    . DG  A 1 9  ? -4.461  -9.466  3.416  1.00 46.37 ? 9   DG  C C8    1 
ATOM   172 N  N7    . DG  A 1 9  ? -3.660  -8.854  2.584  1.00 42.47 ? 9   DG  C N7    1 
ATOM   173 C  C5    . DG  A 1 9  ? -4.362  -7.718  2.204  1.00 44.72 ? 9   DG  C C5    1 
ATOM   174 C  C6    . DG  A 1 9  ? -4.012  -6.675  1.302  1.00 44.13 ? 9   DG  C C6    1 
ATOM   175 O  O6    . DG  A 1 9  ? -2.981  -6.546  0.635  1.00 42.41 ? 9   DG  C O6    1 
ATOM   176 N  N1    . DG  A 1 9  ? -5.020  -5.718  1.210  1.00 43.76 ? 9   DG  C N1    1 
ATOM   177 C  C2    . DG  A 1 9  ? -6.209  -5.755  1.901  1.00 45.58 ? 9   DG  C C2    1 
ATOM   178 N  N2    . DG  A 1 9  ? -7.056  -4.741  1.686  1.00 45.81 ? 9   DG  C N2    1 
ATOM   179 N  N3    . DG  A 1 9  ? -6.550  -6.725  2.733  1.00 44.83 ? 9   DG  C N3    1 
ATOM   180 C  C4    . DG  A 1 9  ? -5.590  -7.669  2.831  1.00 45.92 ? 9   DG  C C4    1 
ATOM   181 P  P     . DG  A 1 10 ? -8.081  -13.654 4.669  1.00 57.62 ? 10  DG  C P     1 
ATOM   182 O  OP1   . DG  A 1 10 ? -8.982  -14.593 5.385  1.00 61.03 ? 10  DG  C OP1   1 
ATOM   183 O  OP2   . DG  A 1 10 ? -6.799  -14.166 4.102  1.00 56.64 ? 10  DG  C OP2   1 
ATOM   184 O  "O5'" . DG  A 1 10 ? -8.944  -12.933 3.537  1.00 53.64 ? 10  DG  C "O5'" 1 
ATOM   185 C  "C5'" . DG  A 1 10 ? -9.075  -13.511 2.226  1.00 50.20 ? 10  DG  C "C5'" 1 
ATOM   186 C  "C4'" . DG  A 1 10 ? -10.261 -12.919 1.503  1.00 47.24 ? 10  DG  C "C4'" 1 
ATOM   187 O  "O4'" . DG  A 1 10 ? -9.888  -11.638 0.954  1.00 46.44 ? 10  DG  C "O4'" 1 
ATOM   188 C  "C3'" . DG  A 1 10 ? -10.743 -13.747 0.315  1.00 46.91 ? 10  DG  C "C3'" 1 
ATOM   189 O  "O3'" . DG  A 1 10 ? -11.784 -14.632 0.730  1.00 47.26 ? 10  DG  C "O3'" 1 
ATOM   190 C  "C2'" . DG  A 1 10 ? -11.270 -12.704 -0.655 1.00 46.21 ? 10  DG  C "C2'" 1 
ATOM   191 C  "C1'" . DG  A 1 10 ? -10.501 -11.434 -0.316 1.00 46.57 ? 10  DG  C "C1'" 1 
ATOM   192 N  N9    . DG  A 1 10 ? -9.454  -11.099 -1.279 1.00 45.56 ? 10  DG  C N9    1 
ATOM   193 C  C8    . DG  A 1 10 ? -9.421  -10.025 -2.137 1.00 47.45 ? 10  DG  C C8    1 
ATOM   194 N  N7    . DG  A 1 10 ? -8.350  -9.998  -2.882 1.00 48.38 ? 10  DG  C N7    1 
ATOM   195 C  C5    . DG  A 1 10 ? -7.640  -11.129 -2.504 1.00 44.75 ? 10  DG  C C5    1 
ATOM   196 C  C6    . DG  A 1 10 ? -6.396  -11.631 -2.967 1.00 48.80 ? 10  DG  C C6    1 
ATOM   197 O  O6    . DG  A 1 10 ? -5.649  -11.162 -3.833 1.00 52.01 ? 10  DG  C O6    1 
ATOM   198 N  N1    . DG  A 1 10 ? -6.041  -12.804 -2.307 1.00 49.02 ? 10  DG  C N1    1 
ATOM   199 C  C2    . DG  A 1 10 ? -6.787  -13.415 -1.327 1.00 47.64 ? 10  DG  C C2    1 
ATOM   200 N  N2    . DG  A 1 10 ? -6.280  -14.545 -0.812 1.00 49.76 ? 10  DG  C N2    1 
ATOM   201 N  N3    . DG  A 1 10 ? -7.950  -12.962 -0.893 1.00 46.63 ? 10  DG  C N3    1 
ATOM   202 C  C4    . DG  A 1 10 ? -8.313  -11.823 -1.521 1.00 46.77 ? 10  DG  C C4    1 
HETATM 203 BA BA    . BA  B 2 .  ? 3.595   8.855   -1.414 1.00 45.71 ? 101 BA  C BA    1 
HETATM 204 RU RU    . RKL C 3 .  ? -10.520 -4.482  -1.666 1.00 43.22 ? 102 RKL C RU    1 
HETATM 205 C  C1    . RKL C 3 .  ? -9.033  -6.615  -0.634 1.00 44.78 ? 102 RKL C C1    1 
HETATM 206 N  N1    . RKL C 3 .  ? -8.531  -4.772  -2.168 1.00 43.91 ? 102 RKL C N1    1 
HETATM 207 C  C2    . RKL C 3 .  ? -11.156 -6.603  0.492  1.00 44.88 ? 102 RKL C C2    1 
HETATM 208 N  N2    . RKL C 3 .  ? -10.273 -6.095  -0.386 1.00 44.58 ? 102 RKL C N2    1 
HETATM 209 C  C3    . RKL C 3 .  ? -10.794 -7.771  1.179  1.00 45.13 ? 102 RKL C C3    1 
HETATM 210 N  N3    . RKL C 3 .  ? -6.903  -9.438  0.408  1.00 47.97 ? 102 RKL C N3    1 
HETATM 211 C  C4    . RKL C 3 .  ? -9.529  -8.355  0.961  1.00 44.31 ? 102 RKL C C4    1 
HETATM 212 N  N4    . RKL C 3 .  ? -5.242  -8.228  -1.393 1.00 44.94 ? 102 RKL C N4    1 
HETATM 213 C  C5    . RKL C 3 .  ? -8.619  -7.780  0.048  1.00 44.91 ? 102 RKL C C5    1 
HETATM 214 N  N5    . RKL C 3 .  ? -9.949  -3.024  -0.273 1.00 44.25 ? 102 RKL C N5    1 
HETATM 215 C  C6    . RKL C 3 .  ? -7.331  -8.318  -0.217 1.00 45.72 ? 102 RKL C C6    1 
HETATM 216 N  N6    . RKL C 3 .  ? -9.453  -0.703  1.163  1.00 44.37 ? 102 RKL C N6    1 
HETATM 217 C  C7    . RKL C 3 .  ? -6.475  -7.693  -1.158 1.00 46.77 ? 102 RKL C C7    1 
HETATM 218 N  N7    . RKL C 3 .  ? -10.846 -0.445  -4.200 1.00 40.14 ? 102 RKL C N7    1 
HETATM 219 C  C8    . RKL C 3 .  ? -6.891  -6.520  -1.836 1.00 45.78 ? 102 RKL C C8    1 
HETATM 220 N  N8    . RKL C 3 .  ? -10.720 -2.843  -2.944 1.00 41.60 ? 102 RKL C N8    1 
HETATM 221 C  C9    . RKL C 3 .  ? -6.070  -5.860  -2.767 1.00 45.13 ? 102 RKL C C9    1 
HETATM 222 N  N9    . RKL C 3 .  ? -11.136 -5.867  -3.030 1.00 42.22 ? 102 RKL C N9    1 
HETATM 223 C  C10   . RKL C 3 .  ? -8.166  -5.966  -1.585 1.00 44.27 ? 102 RKL C C10   1 
HETATM 224 N  N10   . RKL C 3 .  ? -12.439 -7.498  -4.679 1.00 44.80 ? 102 RKL C N10   1 
HETATM 225 C  C11   . RKL C 3 .  ? -6.528  -4.700  -3.412 1.00 44.58 ? 102 RKL C C11   1 
HETATM 226 N  N11   . RKL C 3 .  ? -15.265 -4.534  -1.036 1.00 42.70 ? 102 RKL C N11   1 
HETATM 227 C  C12   . RKL C 3 .  ? -7.806  -4.201  -3.144 1.00 44.17 ? 102 RKL C C12   1 
HETATM 228 N  N12   . RKL C 3 .  ? -12.540 -4.266  -1.188 1.00 42.36 ? 102 RKL C N12   1 
HETATM 229 C  C13   . RKL C 3 .  ? -4.829  -9.341  -0.767 1.00 48.37 ? 102 RKL C C13   1 
HETATM 230 C  C14   . RKL C 3 .  ? -3.560  -9.869  -1.031 1.00 48.03 ? 102 RKL C C14   1 
HETATM 231 C  C15   . RKL C 3 .  ? -5.681  -9.967  0.156  1.00 47.97 ? 102 RKL C C15   1 
HETATM 232 C  C16   . RKL C 3 .  ? -5.248  -11.124 0.812  1.00 47.64 ? 102 RKL C C16   1 
HETATM 233 C  C17   . RKL C 3 .  ? -3.977  -11.651 0.547  1.00 49.05 ? 102 RKL C C17   1 
HETATM 234 C  C18   . RKL C 3 .  ? -3.136  -11.027 -0.373 1.00 47.88 ? 102 RKL C C18   1 
HETATM 235 C  C19   . RKL C 3 .  ? -10.074 -1.806  -0.865 1.00 41.91 ? 102 RKL C C19   1 
HETATM 236 C  C20   . RKL C 3 .  ? -9.683  -3.091  1.040  1.00 43.92 ? 102 RKL C C20   1 
HETATM 237 C  C21   . RKL C 3 .  ? -9.392  -1.917  1.755  1.00 44.99 ? 102 RKL C C21   1 
HETATM 238 C  C22   . RKL C 3 .  ? -9.800  -0.634  -0.150 1.00 44.08 ? 102 RKL C C22   1 
HETATM 239 C  C23   . RKL C 3 .  ? -9.879  0.594   -0.810 1.00 42.96 ? 102 RKL C C23   1 
HETATM 240 C  C24   . RKL C 3 .  ? -10.233 0.653   -2.157 1.00 41.46 ? 102 RKL C C24   1 
HETATM 241 C  C25   . RKL C 3 .  ? -10.509 -0.501  -2.883 1.00 41.78 ? 102 RKL C C25   1 
HETATM 242 C  C26   . RKL C 3 .  ? -10.431 -1.732  -2.241 1.00 42.06 ? 102 RKL C C26   1 
HETATM 243 C  C27   . RKL C 3 .  ? -11.109 -1.566  -4.896 1.00 39.99 ? 102 RKL C C27   1 
HETATM 244 C  C28   . RKL C 3 .  ? -11.019 -2.812  -4.256 1.00 41.84 ? 102 RKL C C28   1 
HETATM 245 C  C29   . RKL C 3 .  ? -12.483 -5.909  -2.949 1.00 44.24 ? 102 RKL C C29   1 
HETATM 246 C  C30   . RKL C 3 .  ? -10.474 -6.576  -3.938 1.00 44.35 ? 102 RKL C C30   1 
HETATM 247 C  C31   . RKL C 3 .  ? -11.167 -7.406  -4.741 1.00 44.33 ? 102 RKL C C31   1 
HETATM 248 C  C32   . RKL C 3 .  ? -13.150 -6.781  -3.791 1.00 42.26 ? 102 RKL C C32   1 
HETATM 249 C  C33   . RKL C 3 .  ? -14.535 -6.889  -3.722 1.00 45.21 ? 102 RKL C C33   1 
HETATM 250 C  C34   . RKL C 3 .  ? -15.254 -6.127  -2.794 1.00 42.27 ? 102 RKL C C34   1 
HETATM 251 C  C35   . RKL C 3 .  ? -14.585 -5.262  -1.937 1.00 44.69 ? 102 RKL C C35   1 
HETATM 252 C  C36   . RKL C 3 .  ? -13.198 -5.140  -1.994 1.00 43.89 ? 102 RKL C C36   1 
HETATM 253 C  C37   . RKL C 3 .  ? -14.596 -3.698  -0.223 1.00 46.55 ? 102 RKL C C37   1 
HETATM 254 C  C38   . RKL C 3 .  ? -13.201 -3.581  -0.270 1.00 45.06 ? 102 RKL C C38   1 
HETATM 255 O  O     . HOH D 4 .  ? -10.459 -16.764 1.343  1.00 52.48 ? 201 HOH C O     1 
HETATM 256 O  O     . HOH D 4 .  ? -14.013 -13.486 1.527  1.00 45.47 ? 202 HOH C O     1 
HETATM 257 O  O     . HOH D 4 .  ? -1.234  -9.954  2.276  1.00 53.44 ? 203 HOH C O     1 
HETATM 258 O  O     . HOH D 4 .  ? 1.106   -5.620  0.390  1.00 62.10 ? 204 HOH C O     1 
HETATM 259 O  O     . HOH D 4 .  ? -5.204  -2.400  6.472  1.00 46.56 ? 205 HOH C O     1 
HETATM 260 O  O     . HOH D 4 .  ? 4.200   11.033  0.146  1.00 47.80 ? 206 HOH C O     1 
HETATM 261 O  O     . HOH D 4 .  ? 3.821   15.157  2.072  1.00 60.16 ? 207 HOH C O     1 
HETATM 262 O  O     . HOH D 4 .  ? 3.018   5.909   -0.636 1.00 45.21 ? 208 HOH C O     1 
HETATM 263 O  O     . HOH D 4 .  ? 2.742   10.970  -2.857 1.00 44.78 ? 209 HOH C O     1 
HETATM 264 O  O     . HOH D 4 .  ? 11.969  9.811   -3.663 1.00 60.10 ? 210 HOH C O     1 
HETATM 265 O  O     . HOH D 4 .  ? 10.330  2.895   -0.912 1.00 39.56 ? 211 HOH C O     1 
HETATM 266 O  O     . HOH D 4 .  ? 3.205   7.350   -9.507 1.00 59.79 ? 212 HOH C O     1 
HETATM 267 O  O     . HOH D 4 .  ? 1.656   1.454   -1.156 1.00 49.43 ? 213 HOH C O     1 
HETATM 268 O  O     . HOH D 4 .  ? 1.328   13.353  -2.150 1.00 52.65 ? 214 HOH C O     1 
HETATM 269 O  O     . HOH D 4 .  ? 3.227   8.265   -3.998 1.00 45.78 ? 215 HOH C O     1 
HETATM 270 O  O     . HOH D 4 .  ? 1.873   -3.044  -0.362 1.00 47.41 ? 216 HOH C O     1 
HETATM 271 O  O     . HOH D 4 .  ? -0.428  -7.818  -0.027 1.00 51.81 ? 217 HOH C O     1 
HETATM 272 O  O     . HOH D 4 .  ? -2.816  -12.726 3.978  1.00 58.53 ? 218 HOH C O     1 
HETATM 273 O  O     . HOH D 4 .  ? -4.174  -14.644 7.289  1.00 60.16 ? 219 HOH C O     1 
HETATM 274 O  O     . HOH D 4 .  ? 6.637   -6.664  10.538 1.00 61.14 ? 220 HOH C O     1 
HETATM 275 O  O     . HOH D 4 .  ? 13.632  12.263  -4.312 1.00 35.66 ? 221 HOH C O     1 
HETATM 276 O  O     . HOH D 4 .  ? 10.524  3.053   6.773  1.00 54.17 ? 222 HOH C O     1 
HETATM 277 O  O     . HOH D 4 .  ? -3.513  -16.138 1.356  1.00 65.27 ? 223 HOH C O     1 
HETATM 278 O  O     . HOH D 4 .  ? -13.245 -0.446  0.434  1.00 47.33 ? 224 HOH C O     1 
HETATM 279 O  O     . HOH D 4 .  ? -1.086  -11.635 11.712 1.00 72.74 ? 225 HOH C O     1 
HETATM 280 O  O     . HOH D 4 .  ? -0.787  -8.041  -2.674 1.00 58.73 ? 226 HOH C O     1 
HETATM 281 O  O     . HOH D 4 .  ? 3.144   17.865  0.053  1.00 59.59 ? 227 HOH C O     1 
HETATM 282 O  O     . HOH D 4 .  ? 2.331   13.035  1.297  1.00 56.49 ? 228 HOH C O     1 
HETATM 283 O  O     . HOH D 4 .  ? 1.105   8.859   -1.485 1.00 60.11 ? 229 HOH C O     1 
HETATM 284 O  O     . HOH D 4 .  ? 3.693   16.253  4.816  1.00 63.69 ? 230 HOH C O     1 
# 
